data_5E7Z
#
_entry.id   5E7Z
#
_cell.length_a   206.357
_cell.length_b   206.357
_cell.length_c   66.941
_cell.angle_alpha   90.00
_cell.angle_beta   90.00
_cell.angle_gamma   120.00
#
_symmetry.space_group_name_H-M   'P 32 2 1'
#
loop_
_entity.id
_entity.type
_entity.pdbx_description
1 polymer '3-deoxy-D-arabinoheptulosonate-7-phosphate synthase'
2 non-polymer 'SULFATE ION'
3 non-polymer 'MANGANESE (II) ION'
4 non-polymer D-TRYPTOPHAN
5 non-polymer TRYPTOPHAN
6 non-polymer D-PHENYLALANINE
7 non-polymer GLYCEROL
8 water water
#
_entity_poly.entity_id   1
_entity_poly.type   'polypeptide(L)'
_entity_poly.pdbx_seq_one_letter_code
;GAMNWTVDIPIDQLPSLPPLPTDLRTRLDAALAKPAAQQPTWPADQALAMRTVLESVPPVTVPSEIVRLQEQLAQVAKGE
AFLLQGGDCAETFMDNTEPHIRGNVRALLQMAVVLTYGASMPVVKVARIAGQYAKPRSADIDALGLRSYRGDMINGFAPD
AAAREHDPSRLVRAYANASAAMNLVRALTSSGLASLHLVHDWNREFVRTSPAGARYEALATEIDRGLRFMSACGVADRNL
QTAEIYASHEALVLDYERAMLRLSDGDDGEPQLFDLSAHTVWIGERTRQIDGAHIAFAQVIANPVGVKLGPNMTPELAVE
YVERLDPHNKPGRLTLVSRMGNHKVRDLLPPIVEKVQATGHQVIWQCDPMHGNTHESSTGFKTRHFDRIVDEVQGFFEVH
RALGTHPGGIHVEITGENVTECLGGAQDISETDLAGRYETACDPRLNTQQSLELAFLVAEMLRD
;
_entity_poly.pdbx_strand_id   A,B
#
loop_
_chem_comp.id
_chem_comp.type
_chem_comp.name
_chem_comp.formula
GOL non-polymer GLYCEROL 'C3 H8 O3'
MN non-polymer 'MANGANESE (II) ION' 'Mn 2'
SO4 non-polymer 'SULFATE ION' 'O4 S -2'
#
# COMPACT_ATOMS: atom_id res chain seq x y z
N MET A 3 -29.94 13.59 -2.12
CA MET A 3 -30.40 14.02 -0.77
C MET A 3 -29.93 13.05 0.37
N ASN A 4 -29.28 11.94 -0.01
CA ASN A 4 -28.82 10.92 0.97
C ASN A 4 -27.45 11.30 1.59
N TRP A 5 -26.66 12.10 0.89
CA TRP A 5 -25.26 12.47 1.25
C TRP A 5 -24.30 11.27 1.13
N THR A 6 -24.65 10.38 0.22
CA THR A 6 -23.88 9.16 -0.01
C THR A 6 -23.70 8.86 -1.48
N VAL A 7 -22.65 8.11 -1.79
CA VAL A 7 -22.38 7.72 -3.16
C VAL A 7 -22.37 6.20 -3.24
N ASP A 8 -23.14 5.65 -4.17
CA ASP A 8 -23.21 4.21 -4.33
C ASP A 8 -22.10 3.75 -5.25
N ILE A 9 -21.36 2.73 -4.84
CA ILE A 9 -20.26 2.22 -5.67
C ILE A 9 -20.59 0.79 -6.11
N PRO A 10 -20.92 0.61 -7.37
CA PRO A 10 -21.35 -0.71 -7.84
C PRO A 10 -20.28 -1.79 -7.61
N ILE A 11 -20.71 -3.04 -7.49
CA ILE A 11 -19.84 -4.18 -7.28
C ILE A 11 -20.14 -5.12 -8.43
N ASP A 12 -19.17 -5.77 -9.05
CA ASP A 12 -19.52 -6.55 -10.25
C ASP A 12 -19.25 -8.06 -10.09
N GLN A 13 -20.34 -8.83 -9.91
CA GLN A 13 -20.28 -10.29 -9.68
C GLN A 13 -20.10 -11.08 -10.98
N LEU A 17 -10.55 -16.47 -10.43
CA LEU A 17 -9.63 -17.14 -9.53
C LEU A 17 -10.26 -18.52 -9.08
N PRO A 18 -9.44 -19.63 -8.99
CA PRO A 18 -10.03 -20.90 -8.45
C PRO A 18 -10.51 -20.80 -6.97
N PRO A 19 -11.43 -21.70 -6.53
CA PRO A 19 -11.67 -21.65 -5.08
C PRO A 19 -10.42 -22.20 -4.30
N LEU A 20 -10.43 -22.03 -2.98
CA LEU A 20 -9.47 -22.73 -2.16
C LEU A 20 -9.59 -24.24 -2.49
N PRO A 21 -8.48 -24.99 -2.35
CA PRO A 21 -8.58 -26.46 -2.57
C PRO A 21 -9.64 -27.13 -1.65
N THR A 22 -10.18 -28.23 -2.13
CA THR A 22 -11.20 -29.01 -1.45
C THR A 22 -10.81 -29.52 -0.04
N ASP A 23 -9.64 -30.10 0.13
CA ASP A 23 -9.27 -30.56 1.48
C ASP A 23 -9.23 -29.40 2.46
N LEU A 24 -8.75 -28.23 2.06
CA LEU A 24 -8.72 -27.11 3.05
C LEU A 24 -10.11 -26.60 3.28
N ARG A 25 -10.90 -26.52 2.20
CA ARG A 25 -12.30 -26.06 2.35
C ARG A 25 -13.04 -26.99 3.27
N THR A 26 -12.86 -28.30 3.11
CA THR A 26 -13.50 -29.28 3.99
C THR A 26 -13.08 -29.04 5.48
N ARG A 27 -11.81 -28.82 5.78
CA ARG A 27 -11.46 -28.49 7.19
C ARG A 27 -12.02 -27.20 7.70
N LEU A 28 -12.01 -26.22 6.82
CA LEU A 28 -12.49 -24.92 7.19
C LEU A 28 -14.01 -24.96 7.48
N ASP A 29 -14.79 -25.74 6.70
CA ASP A 29 -16.25 -25.87 6.89
C ASP A 29 -16.50 -26.49 8.25
N ALA A 30 -15.75 -27.56 8.55
CA ALA A 30 -15.89 -28.23 9.81
C ALA A 30 -15.66 -27.27 10.97
N ALA A 31 -14.68 -26.39 10.84
CA ALA A 31 -14.40 -25.40 11.88
C ALA A 31 -15.45 -24.28 12.02
N LEU A 32 -15.91 -23.76 10.92
CA LEU A 32 -16.91 -22.67 10.99
C LEU A 32 -18.31 -23.18 11.26
N ALA A 33 -18.55 -24.48 11.22
CA ALA A 33 -19.80 -25.01 11.79
C ALA A 33 -19.91 -24.81 13.30
N LYS A 34 -18.81 -24.49 13.99
CA LYS A 34 -18.95 -24.21 15.40
C LYS A 34 -19.66 -22.92 15.62
N PRO A 35 -20.25 -22.76 16.81
CA PRO A 35 -20.98 -21.51 17.04
C PRO A 35 -20.06 -20.31 17.24
N ALA A 36 -20.58 -19.19 16.79
CA ALA A 36 -19.80 -17.99 16.71
C ALA A 36 -20.59 -16.94 17.46
N ALA A 37 -20.04 -16.42 18.55
CA ALA A 37 -20.66 -15.31 19.20
C ALA A 37 -20.45 -13.96 18.45
N GLN A 38 -21.27 -12.97 18.78
CA GLN A 38 -21.14 -11.57 18.32
C GLN A 38 -21.20 -11.33 16.84
N GLN A 39 -21.83 -12.21 16.09
CA GLN A 39 -21.85 -12.01 14.63
C GLN A 39 -22.95 -11.07 14.19
N PRO A 40 -22.72 -10.41 13.06
CA PRO A 40 -23.69 -9.47 12.50
C PRO A 40 -24.93 -10.19 11.98
N THR A 41 -26.09 -9.59 12.21
CA THR A 41 -27.35 -10.16 11.77
C THR A 41 -27.84 -9.73 10.38
N TRP A 42 -27.16 -10.15 9.32
CA TRP A 42 -27.59 -9.80 7.99
C TRP A 42 -27.91 -11.03 7.15
N PRO A 43 -28.57 -10.86 6.00
CA PRO A 43 -28.96 -12.07 5.22
C PRO A 43 -27.76 -12.86 4.69
N ALA A 44 -27.82 -14.17 4.84
CA ALA A 44 -26.74 -15.05 4.39
C ALA A 44 -26.44 -14.96 2.92
N ASP A 45 -27.45 -14.73 2.11
CA ASP A 45 -27.22 -14.70 0.67
C ASP A 45 -26.45 -13.40 0.30
N GLN A 46 -26.70 -12.33 1.03
CA GLN A 46 -25.96 -11.10 0.82
C GLN A 46 -24.53 -11.22 1.33
N ALA A 47 -24.38 -11.79 2.50
CA ALA A 47 -23.06 -12.03 3.01
C ALA A 47 -22.21 -12.86 2.00
N LEU A 48 -22.79 -13.92 1.45
CA LEU A 48 -22.10 -14.73 0.48
C LEU A 48 -21.62 -13.92 -0.68
N ALA A 49 -22.47 -13.04 -1.15
CA ALA A 49 -22.15 -12.25 -2.35
C ALA A 49 -20.95 -11.32 -2.08
N MET A 50 -20.98 -10.66 -0.96
CA MET A 50 -19.86 -9.80 -0.53
C MET A 50 -18.56 -10.62 -0.31
N ARG A 51 -18.68 -11.77 0.33
CA ARG A 51 -17.55 -12.67 0.45
C ARG A 51 -17.01 -13.10 -0.89
N THR A 52 -17.86 -13.27 -1.85
CA THR A 52 -17.36 -13.68 -3.17
C THR A 52 -16.46 -12.57 -3.77
N VAL A 53 -16.81 -11.33 -3.53
CA VAL A 53 -16.06 -10.17 -4.00
C VAL A 53 -14.77 -10.13 -3.29
N LEU A 54 -14.79 -10.32 -1.99
CA LEU A 54 -13.55 -10.23 -1.25
C LEU A 54 -12.63 -11.38 -1.59
N GLU A 55 -13.15 -12.53 -1.98
CA GLU A 55 -12.29 -13.67 -2.29
C GLU A 55 -11.40 -13.40 -3.48
N SER A 56 -11.70 -12.38 -4.27
CA SER A 56 -10.88 -12.10 -5.42
C SER A 56 -10.17 -10.70 -5.40
N VAL A 57 -10.25 -9.92 -4.30
CA VAL A 57 -9.49 -8.69 -4.26
C VAL A 57 -8.00 -8.96 -3.93
N PRO A 58 -7.12 -7.96 -4.20
CA PRO A 58 -5.68 -7.90 -3.73
C PRO A 58 -5.62 -7.91 -2.23
N PRO A 59 -4.84 -8.82 -1.67
CA PRO A 59 -4.86 -8.87 -0.23
C PRO A 59 -4.19 -7.64 0.39
N VAL A 60 -4.40 -7.42 1.68
CA VAL A 60 -3.84 -6.33 2.40
C VAL A 60 -2.42 -6.57 2.82
N THR A 61 -2.10 -7.83 3.15
CA THR A 61 -0.78 -8.28 3.43
C THR A 61 -0.46 -9.50 2.55
N VAL A 62 0.80 -9.91 2.53
CA VAL A 62 1.20 -11.12 1.81
C VAL A 62 1.90 -12.07 2.73
N PRO A 63 1.88 -13.38 2.36
CA PRO A 63 2.37 -14.44 3.28
C PRO A 63 3.79 -14.31 3.75
N SER A 64 4.67 -13.91 2.88
CA SER A 64 6.04 -13.84 3.33
C SER A 64 6.26 -12.67 4.35
N GLU A 65 5.38 -11.67 4.43
CA GLU A 65 5.52 -10.67 5.54
C GLU A 65 5.13 -11.28 6.83
N ILE A 66 4.22 -12.25 6.75
CA ILE A 66 3.70 -12.87 7.94
C ILE A 66 4.72 -13.90 8.46
N VAL A 67 5.39 -14.62 7.58
CA VAL A 67 6.46 -15.50 8.02
C VAL A 67 7.57 -14.66 8.67
N ARG A 68 7.85 -13.47 8.16
CA ARG A 68 8.85 -12.62 8.76
C ARG A 68 8.41 -12.07 10.12
N LEU A 69 7.17 -11.61 10.26
CA LEU A 69 6.65 -11.29 11.57
C LEU A 69 6.76 -12.48 12.55
N GLN A 70 6.38 -13.66 12.11
CA GLN A 70 6.51 -14.86 12.94
C GLN A 70 7.89 -15.05 13.57
N GLU A 71 8.93 -14.91 12.73
CA GLU A 71 10.36 -15.03 13.14
C GLU A 71 10.75 -13.95 14.11
N GLN A 72 10.25 -12.74 13.93
CA GLN A 72 10.56 -11.68 14.87
C GLN A 72 9.87 -11.86 16.20
N LEU A 73 8.66 -12.39 16.16
CA LEU A 73 7.89 -12.73 17.36
C LEU A 73 8.48 -13.94 18.10
N ALA A 74 9.11 -14.84 17.38
CA ALA A 74 9.86 -15.90 18.01
C ALA A 74 10.98 -15.33 18.87
N GLN A 75 11.71 -14.34 18.38
CA GLN A 75 12.69 -13.65 19.22
C GLN A 75 12.06 -12.98 20.43
N VAL A 76 10.87 -12.39 20.27
CA VAL A 76 10.18 -11.90 21.47
C VAL A 76 9.91 -13.02 22.49
N ALA A 77 9.34 -14.12 22.02
CA ALA A 77 9.01 -15.22 22.92
C ALA A 77 10.28 -15.72 23.68
N LYS A 78 11.47 -15.68 23.04
CA LYS A 78 12.70 -16.12 23.64
C LYS A 78 13.33 -15.13 24.51
N GLY A 79 12.71 -13.97 24.72
CA GLY A 79 13.32 -12.97 25.60
C GLY A 79 14.34 -12.11 24.87
N GLU A 80 14.32 -12.11 23.54
CA GLU A 80 15.30 -11.30 22.80
C GLU A 80 14.79 -10.12 22.00
N ALA A 81 13.48 -9.91 22.00
CA ALA A 81 12.92 -8.67 21.48
C ALA A 81 11.70 -8.35 22.35
N PHE A 82 11.08 -7.24 22.05
CA PHE A 82 9.97 -6.76 22.80
C PHE A 82 8.89 -6.27 21.81
N LEU A 83 7.63 -6.53 22.14
CA LEU A 83 6.49 -6.31 21.25
C LEU A 83 5.70 -5.05 21.66
N LEU A 84 5.52 -4.13 20.72
CA LEU A 84 4.73 -2.95 21.00
C LEU A 84 3.60 -2.96 20.03
N GLN A 85 2.40 -2.93 20.58
CA GLN A 85 1.18 -3.03 19.80
C GLN A 85 0.23 -1.91 20.20
N GLY A 86 -0.26 -1.15 19.24
CA GLY A 86 -0.98 0.07 19.54
C GLY A 86 -1.70 0.78 18.39
N GLY A 87 -2.75 1.54 18.74
CA GLY A 87 -3.54 2.33 17.80
C GLY A 87 -4.93 2.53 18.41
N ASP A 88 -5.86 2.89 17.54
CA ASP A 88 -7.19 3.26 17.91
C ASP A 88 -7.92 2.08 18.48
N CYS A 89 -8.85 2.37 19.39
CA CYS A 89 -9.74 1.31 19.87
C CYS A 89 -10.57 0.81 18.69
N ALA A 90 -11.14 1.73 17.93
CA ALA A 90 -12.09 1.44 16.81
C ALA A 90 -11.76 2.42 15.66
N GLU A 91 -11.32 1.95 14.51
CA GLU A 91 -11.04 2.91 13.50
C GLU A 91 -12.42 3.18 12.89
N THR A 92 -12.65 4.37 12.37
CA THR A 92 -13.84 4.61 11.57
C THR A 92 -13.47 4.96 10.17
N PHE A 93 -14.40 4.73 9.28
CA PHE A 93 -14.28 5.17 7.92
C PHE A 93 -14.06 6.67 7.75
N MET A 94 -14.80 7.46 8.53
CA MET A 94 -14.73 8.92 8.48
C MET A 94 -13.38 9.52 8.81
N ASP A 95 -12.69 8.94 9.79
CA ASP A 95 -11.39 9.43 10.22
C ASP A 95 -10.22 8.68 9.58
N ASN A 96 -10.50 7.86 8.58
CA ASN A 96 -9.45 7.09 7.95
C ASN A 96 -8.85 8.00 6.91
N THR A 97 -8.16 9.02 7.41
CA THR A 97 -7.55 10.04 6.60
C THR A 97 -6.01 10.03 6.71
N GLU A 98 -5.36 10.68 5.77
CA GLU A 98 -3.92 10.78 5.80
C GLU A 98 -3.47 11.36 7.20
N PRO A 99 -4.02 12.46 7.66
CA PRO A 99 -3.44 13.01 8.92
C PRO A 99 -3.68 12.18 10.14
N HIS A 100 -4.84 11.56 10.24
CA HIS A 100 -5.07 10.71 11.34
C HIS A 100 -4.16 9.49 11.26
N ILE A 101 -4.07 8.84 10.10
CA ILE A 101 -3.16 7.67 9.96
C ILE A 101 -1.71 8.00 10.27
N ARG A 102 -1.22 9.09 9.68
CA ARG A 102 0.14 9.52 9.89
C ARG A 102 0.39 9.80 11.39
N GLY A 103 -0.57 10.42 12.07
CA GLY A 103 -0.38 10.77 13.49
C GLY A 103 -0.31 9.53 14.42
N ASN A 104 -1.10 8.50 14.10
CA ASN A 104 -1.04 7.23 14.83
C ASN A 104 0.22 6.47 14.60
N VAL A 105 0.66 6.44 13.34
CA VAL A 105 1.90 5.75 13.01
C VAL A 105 3.04 6.48 13.72
N ARG A 106 2.97 7.81 13.70
CA ARG A 106 3.97 8.63 14.36
C ARG A 106 4.03 8.40 15.86
N ALA A 107 2.86 8.28 16.49
CA ALA A 107 2.79 8.06 17.92
C ALA A 107 3.42 6.71 18.28
N LEU A 108 3.14 5.70 17.47
CA LEU A 108 3.73 4.36 17.69
C LEU A 108 5.27 4.35 17.50
N LEU A 109 5.77 5.03 16.49
CA LEU A 109 7.21 5.14 16.28
C LEU A 109 7.96 5.85 17.40
N GLN A 110 7.37 6.92 17.91
CA GLN A 110 7.92 7.61 19.06
C GLN A 110 8.08 6.77 20.27
N MET A 111 7.04 6.04 20.59
CA MET A 111 7.13 5.13 21.68
C MET A 111 8.21 4.11 21.38
N ALA A 112 8.24 3.60 20.15
CA ALA A 112 9.21 2.55 19.85
C ALA A 112 10.64 3.01 20.10
N VAL A 113 11.03 4.23 19.74
CA VAL A 113 12.46 4.59 19.89
C VAL A 113 12.85 4.52 21.37
N VAL A 114 12.00 5.01 22.24
CA VAL A 114 12.22 5.04 23.63
C VAL A 114 12.27 3.61 24.25
N LEU A 115 11.39 2.71 23.80
CA LEU A 115 11.30 1.37 24.34
C LEU A 115 12.46 0.52 23.79
N THR A 116 12.89 0.83 22.59
CA THR A 116 14.05 0.20 22.02
C THR A 116 15.27 0.50 22.91
N TYR A 117 15.48 1.78 23.23
CA TYR A 117 16.58 2.17 24.03
C TYR A 117 16.50 1.52 25.40
N GLY A 118 15.32 1.59 26.00
CA GLY A 118 15.16 1.16 27.33
C GLY A 118 15.25 -0.32 27.43
N ALA A 119 14.76 -1.07 26.45
CA ALA A 119 14.85 -2.54 26.53
C ALA A 119 16.18 -3.06 26.02
N SER A 120 16.92 -2.22 25.34
CA SER A 120 18.18 -2.63 24.75
C SER A 120 17.98 -3.80 23.85
N MET A 121 16.89 -3.85 23.13
CA MET A 121 16.69 -4.91 22.15
C MET A 121 15.63 -4.49 21.14
N PRO A 122 15.55 -5.21 20.03
CA PRO A 122 14.55 -4.78 19.06
C PRO A 122 13.10 -4.73 19.59
N VAL A 123 12.34 -3.83 18.98
CA VAL A 123 10.91 -3.70 19.20
C VAL A 123 10.18 -4.06 17.95
N VAL A 124 9.25 -5.00 18.06
CA VAL A 124 8.46 -5.42 16.93
C VAL A 124 7.30 -4.45 17.00
N LYS A 125 7.15 -3.66 15.95
CA LYS A 125 6.09 -2.66 15.95
C LYS A 125 4.86 -3.13 15.18
N VAL A 126 3.77 -3.25 15.91
CA VAL A 126 2.50 -3.67 15.34
C VAL A 126 1.45 -2.62 15.65
N ALA A 127 0.75 -2.16 14.62
CA ALA A 127 -0.28 -1.15 14.80
C ALA A 127 -1.69 -1.67 14.56
N ARG A 128 -2.63 -1.20 15.37
CA ARG A 128 -4.02 -1.60 15.24
C ARG A 128 -4.61 -0.66 14.20
N ILE A 129 -4.60 -1.09 12.96
CA ILE A 129 -5.09 -0.28 11.85
C ILE A 129 -5.40 -1.17 10.65
N ALA A 130 -6.00 -0.59 9.62
CA ALA A 130 -6.31 -1.36 8.41
C ALA A 130 -7.15 -2.62 8.63
N GLY A 131 -8.34 -2.46 9.21
CA GLY A 131 -9.22 -3.58 9.46
C GLY A 131 -9.87 -3.67 10.83
N GLN A 132 -9.46 -2.82 11.76
CA GLN A 132 -10.06 -2.83 13.08
C GLN A 132 -11.33 -1.97 13.00
N TYR A 133 -12.35 -2.50 12.32
CA TYR A 133 -13.60 -1.76 12.14
C TYR A 133 -14.83 -2.41 12.81
N ALA A 134 -14.63 -3.41 13.67
CA ALA A 134 -15.75 -4.11 14.32
C ALA A 134 -15.60 -4.25 15.84
N LYS A 135 -16.72 -4.40 16.55
CA LYS A 135 -16.62 -4.52 18.00
C LYS A 135 -17.81 -5.40 18.46
N PRO A 136 -17.64 -6.06 19.59
CA PRO A 136 -18.68 -6.86 20.15
C PRO A 136 -19.57 -5.93 20.93
N ARG A 137 -20.76 -6.38 21.28
CA ARG A 137 -21.55 -5.71 22.34
C ARG A 137 -22.09 -6.51 23.48
N SER A 138 -22.20 -5.88 24.64
CA SER A 138 -22.97 -6.45 25.78
C SER A 138 -24.49 -6.31 25.54
N ALA A 139 -24.89 -5.09 25.18
CA ALA A 139 -26.28 -4.61 25.32
C ALA A 139 -27.02 -4.81 23.98
N ASP A 140 -28.19 -5.47 24.04
CA ASP A 140 -29.09 -5.63 22.85
C ASP A 140 -29.34 -4.22 22.33
N ILE A 141 -29.83 -3.38 23.24
CA ILE A 141 -30.20 -2.00 22.98
C ILE A 141 -29.39 -0.94 23.74
N ASP A 142 -28.94 0.09 23.03
CA ASP A 142 -28.15 1.19 23.60
C ASP A 142 -28.98 2.15 24.46
N ALA A 143 -28.29 2.97 25.24
CA ALA A 143 -28.93 3.92 26.14
C ALA A 143 -29.90 4.83 25.44
N LEU A 144 -29.79 4.96 24.09
CA LEU A 144 -30.73 5.78 23.33
C LEU A 144 -31.91 4.96 22.82
N GLY A 145 -31.99 3.70 23.24
CA GLY A 145 -33.05 2.82 22.81
C GLY A 145 -32.89 2.36 21.37
N LEU A 146 -31.65 2.38 20.90
CA LEU A 146 -31.34 1.99 19.53
C LEU A 146 -30.46 0.74 19.48
N ARG A 147 -30.51 0.04 18.35
CA ARG A 147 -29.70 -1.15 18.17
C ARG A 147 -28.27 -0.67 18.29
N SER A 148 -27.44 -1.43 18.97
CA SER A 148 -26.08 -1.04 19.20
C SER A 148 -25.17 -0.88 17.97
N TYR A 149 -24.27 0.06 18.11
CA TYR A 149 -23.21 0.24 17.17
C TYR A 149 -22.20 -0.89 17.25
N ARG A 150 -21.91 -1.55 16.14
CA ARG A 150 -20.97 -2.67 16.14
C ARG A 150 -19.67 -2.42 15.37
N GLY A 151 -19.41 -1.16 15.06
CA GLY A 151 -18.28 -0.78 14.26
C GLY A 151 -18.62 -0.70 12.79
N ASP A 152 -17.81 0.06 12.08
CA ASP A 152 -18.13 0.43 10.70
C ASP A 152 -18.15 -0.66 9.70
N MET A 153 -17.58 -1.82 10.03
CA MET A 153 -17.71 -2.99 9.19
C MET A 153 -19.15 -3.56 9.24
N ILE A 154 -19.90 -3.15 10.23
CA ILE A 154 -21.23 -3.71 10.45
C ILE A 154 -22.34 -2.71 10.33
N ASN A 155 -22.23 -1.63 11.10
CA ASN A 155 -23.21 -0.55 10.96
C ASN A 155 -22.65 0.81 11.23
N GLY A 156 -23.53 1.83 11.30
CA GLY A 156 -23.09 3.27 11.44
C GLY A 156 -23.09 3.70 12.92
N PHE A 157 -22.17 4.58 13.29
CA PHE A 157 -22.11 5.20 14.60
C PHE A 157 -23.32 6.11 14.85
N ALA A 158 -23.78 6.80 13.82
CA ALA A 158 -24.76 7.87 14.00
C ALA A 158 -25.96 7.28 14.73
N PRO A 159 -26.53 8.06 15.64
CA PRO A 159 -27.68 7.60 16.40
C PRO A 159 -28.95 7.67 15.61
N ASP A 160 -29.15 6.80 14.63
CA ASP A 160 -30.46 6.67 14.02
C ASP A 160 -30.70 5.28 13.47
N ALA A 161 -31.93 4.80 13.62
CA ALA A 161 -32.35 3.41 13.23
C ALA A 161 -31.77 2.97 11.89
N ALA A 162 -31.83 3.85 10.89
CA ALA A 162 -31.42 3.47 9.54
C ALA A 162 -29.92 3.10 9.55
N ALA A 163 -29.12 3.95 10.17
CA ALA A 163 -27.71 3.74 10.14
C ALA A 163 -27.34 2.48 10.91
N ARG A 164 -28.14 2.09 11.89
CA ARG A 164 -27.80 0.95 12.77
C ARG A 164 -28.19 -0.38 12.19
N GLU A 165 -28.83 -0.38 11.05
CA GLU A 165 -29.09 -1.69 10.45
C GLU A 165 -27.78 -2.36 9.99
N HIS A 166 -27.69 -3.66 10.11
CA HIS A 166 -26.51 -4.34 9.78
C HIS A 166 -26.38 -4.43 8.27
N ASP A 167 -25.29 -3.89 7.66
CA ASP A 167 -25.24 -3.70 6.22
C ASP A 167 -24.04 -4.42 5.65
N PRO A 168 -24.24 -5.61 5.06
CA PRO A 168 -23.13 -6.35 4.52
C PRO A 168 -22.27 -5.64 3.47
N SER A 169 -22.76 -4.58 2.85
CA SER A 169 -21.93 -3.85 1.88
C SER A 169 -20.68 -3.31 2.58
N ARG A 170 -20.80 -3.11 3.88
CA ARG A 170 -19.71 -2.58 4.67
C ARG A 170 -18.50 -3.51 4.62
N LEU A 171 -18.72 -4.79 4.39
CA LEU A 171 -17.60 -5.73 4.33
C LEU A 171 -16.57 -5.23 3.27
N VAL A 172 -17.06 -4.77 2.16
CA VAL A 172 -16.27 -4.28 1.05
C VAL A 172 -15.76 -2.92 1.35
N ARG A 173 -16.57 -2.08 1.94
CA ARG A 173 -16.09 -0.73 2.30
C ARG A 173 -14.94 -0.79 3.30
N ALA A 174 -15.06 -1.70 4.23
CA ALA A 174 -13.99 -2.05 5.14
C ALA A 174 -12.74 -2.49 4.43
N TYR A 175 -12.86 -3.37 3.45
CA TYR A 175 -11.65 -3.83 2.74
C TYR A 175 -11.06 -2.66 2.03
N ALA A 176 -11.89 -1.85 1.37
CA ALA A 176 -11.32 -0.72 0.63
C ALA A 176 -10.57 0.29 1.55
N ASN A 177 -11.16 0.61 2.68
CA ASN A 177 -10.51 1.46 3.66
C ASN A 177 -9.25 0.80 4.23
N ALA A 178 -9.23 -0.53 4.37
CA ALA A 178 -8.12 -1.20 5.03
C ALA A 178 -6.93 -1.18 4.04
N SER A 179 -7.23 -1.47 2.81
CA SER A 179 -6.25 -1.49 1.81
CA SER A 179 -6.24 -1.51 1.77
C SER A 179 -5.64 -0.11 1.59
N ALA A 180 -6.48 0.91 1.60
CA ALA A 180 -5.93 2.29 1.40
C ALA A 180 -5.08 2.72 2.56
N ALA A 181 -5.52 2.38 3.76
CA ALA A 181 -4.73 2.79 4.92
C ALA A 181 -3.41 2.05 4.94
N MET A 182 -3.42 0.78 4.59
CA MET A 182 -2.22 -0.01 4.57
C MET A 182 -1.23 0.47 3.51
N ASN A 183 -1.74 0.76 2.33
CA ASN A 183 -0.94 1.44 1.34
C ASN A 183 -0.15 2.65 1.89
N LEU A 184 -0.78 3.41 2.75
CA LEU A 184 -0.22 4.66 3.20
C LEU A 184 0.73 4.41 4.36
N VAL A 185 0.42 3.46 5.23
CA VAL A 185 1.39 2.99 6.19
C VAL A 185 2.71 2.47 5.56
N ARG A 186 2.61 1.65 4.55
CA ARG A 186 3.80 1.18 3.79
C ARG A 186 4.58 2.35 3.17
N ALA A 187 3.89 3.31 2.55
CA ALA A 187 4.55 4.44 1.95
C ALA A 187 5.31 5.23 3.01
N LEU A 188 4.68 5.49 4.13
CA LEU A 188 5.19 6.44 5.07
C LEU A 188 6.39 5.78 5.75
N THR A 189 6.33 4.49 6.02
CA THR A 189 7.45 3.90 6.77
C THR A 189 8.67 3.65 5.92
N SER A 190 8.54 3.63 4.60
CA SER A 190 9.67 3.40 3.76
C SER A 190 10.18 4.73 3.18
N SER A 191 9.57 5.85 3.55
CA SER A 191 9.82 7.10 2.80
C SER A 191 10.32 8.22 3.63
N GLY A 192 10.48 8.02 4.93
CA GLY A 192 11.11 9.07 5.76
C GLY A 192 10.41 9.29 7.07
N LEU A 193 9.13 8.97 7.20
CA LEU A 193 8.45 9.26 8.47
C LEU A 193 9.03 8.42 9.57
N ALA A 194 9.53 7.24 9.19
CA ALA A 194 10.08 6.37 10.15
C ALA A 194 11.62 6.46 10.18
N SER A 195 12.19 7.57 9.77
CA SER A 195 13.62 7.80 10.02
C SER A 195 13.86 7.98 11.51
N LEU A 196 14.79 7.21 12.07
CA LEU A 196 15.04 7.29 13.54
C LEU A 196 15.38 8.68 14.06
N HIS A 197 16.23 9.36 13.33
CA HIS A 197 16.63 10.72 13.76
C HIS A 197 15.46 11.67 13.78
N LEU A 198 14.59 11.58 12.78
CA LEU A 198 13.44 12.48 12.72
C LEU A 198 12.48 12.18 13.89
N VAL A 199 12.24 10.90 14.17
CA VAL A 199 11.29 10.49 15.19
C VAL A 199 11.79 10.96 16.55
N HIS A 200 13.07 10.76 16.75
CA HIS A 200 13.69 11.19 17.97
C HIS A 200 13.61 12.71 18.14
N ASP A 201 13.72 13.48 17.06
CA ASP A 201 13.57 14.96 17.20
C ASP A 201 12.20 15.36 17.68
N TRP A 202 11.16 14.61 17.26
CA TRP A 202 9.85 14.82 17.83
C TRP A 202 9.82 14.48 19.33
N ASN A 203 10.50 13.43 19.74
CA ASN A 203 10.58 13.15 21.18
C ASN A 203 11.27 14.28 21.95
N ARG A 204 12.24 14.96 21.33
CA ARG A 204 13.01 16.06 21.97
C ARG A 204 12.08 17.23 22.18
N GLU A 205 11.26 17.57 21.16
CA GLU A 205 10.25 18.67 21.21
C GLU A 205 9.20 18.37 22.27
N PHE A 206 8.84 17.10 22.42
CA PHE A 206 7.91 16.72 23.47
C PHE A 206 8.55 16.97 24.86
N VAL A 207 9.82 16.62 25.01
CA VAL A 207 10.52 16.79 26.29
C VAL A 207 10.65 18.25 26.69
N ARG A 208 11.00 19.10 25.73
CA ARG A 208 11.13 20.54 25.97
C ARG A 208 9.80 21.16 26.42
N THR A 209 8.73 20.72 25.78
CA THR A 209 7.34 21.13 26.01
C THR A 209 6.48 20.53 27.16
N SER A 210 6.61 19.23 27.41
CA SER A 210 5.75 18.53 28.38
C SER A 210 5.87 19.18 29.77
N PRO A 211 4.75 19.28 30.50
CA PRO A 211 4.84 19.82 31.86
C PRO A 211 5.73 18.98 32.77
N ALA A 212 5.91 17.71 32.46
CA ALA A 212 6.80 16.86 33.23
C ALA A 212 8.12 16.64 32.49
N GLY A 213 8.41 17.48 31.48
CA GLY A 213 9.60 17.30 30.62
C GLY A 213 10.87 17.05 31.41
N ALA A 214 11.03 17.78 32.51
CA ALA A 214 12.16 17.64 33.44
C ALA A 214 12.33 16.22 33.93
N ARG A 215 11.24 15.55 34.15
CA ARG A 215 11.31 14.17 34.62
C ARG A 215 11.94 13.17 33.60
N TYR A 216 11.84 13.50 32.32
CA TYR A 216 12.17 12.60 31.24
C TYR A 216 13.44 12.99 30.49
N GLU A 217 14.04 14.08 30.97
CA GLU A 217 15.12 14.79 30.28
C GLU A 217 16.40 13.94 30.24
N ALA A 218 16.66 13.24 31.32
CA ALA A 218 17.87 12.45 31.42
C ALA A 218 17.83 11.34 30.39
N LEU A 219 16.70 10.66 30.35
CA LEU A 219 16.53 9.56 29.42
C LEU A 219 16.57 10.03 28.01
N ALA A 220 16.00 11.18 27.71
CA ALA A 220 16.02 11.68 26.34
C ALA A 220 17.41 12.07 25.86
N THR A 221 18.17 12.69 26.78
CA THR A 221 19.57 13.09 26.51
C THR A 221 20.43 11.83 26.30
N GLU A 222 20.18 10.83 27.11
CA GLU A 222 20.92 9.62 27.02
C GLU A 222 20.60 8.95 25.67
N ILE A 223 19.33 9.00 25.21
CA ILE A 223 19.04 8.43 23.89
C ILE A 223 19.75 9.22 22.78
N ASP A 224 19.73 10.53 22.89
CA ASP A 224 20.42 11.38 21.96
C ASP A 224 21.91 11.03 21.81
N ARG A 225 22.56 10.75 22.93
CA ARG A 225 23.92 10.37 22.92
C ARG A 225 24.21 8.99 22.36
N GLY A 226 23.26 8.09 22.59
CA GLY A 226 23.31 6.79 21.97
C GLY A 226 23.23 6.94 20.48
N LEU A 227 22.34 7.80 19.99
CA LEU A 227 22.32 8.04 18.55
C LEU A 227 23.58 8.67 18.03
N ARG A 228 24.10 9.64 18.74
CA ARG A 228 25.27 10.34 18.26
C ARG A 228 26.47 9.39 18.25
N PHE A 229 26.54 8.49 19.23
CA PHE A 229 27.53 7.41 19.24
C PHE A 229 27.57 6.56 17.99
N MET A 230 26.41 6.15 17.50
CA MET A 230 26.32 5.31 16.31
C MET A 230 26.92 6.02 15.11
N SER A 231 26.61 7.31 15.02
CA SER A 231 27.14 8.17 13.96
C SER A 231 28.65 8.32 14.13
N ALA A 232 29.08 8.47 15.38
CA ALA A 232 30.49 8.63 15.71
C ALA A 232 31.30 7.41 15.32
N CYS A 233 30.70 6.23 15.52
CA CYS A 233 31.35 4.98 15.21
C CYS A 233 31.28 4.64 13.75
N GLY A 234 30.72 5.54 12.95
CA GLY A 234 30.61 5.33 11.51
C GLY A 234 29.78 4.17 10.99
N VAL A 235 28.74 3.83 11.76
CA VAL A 235 27.81 2.75 11.46
C VAL A 235 26.35 3.19 11.32
N ALA A 236 26.14 4.46 10.98
CA ALA A 236 24.78 4.97 10.83
C ALA A 236 24.26 4.59 9.46
N ASP A 237 23.94 3.32 9.32
CA ASP A 237 23.43 2.75 8.07
C ASP A 237 21.92 2.75 7.79
N ARG A 238 21.62 2.57 6.52
CA ARG A 238 20.31 2.45 5.95
C ARG A 238 19.27 2.01 7.02
N ASN A 239 19.68 1.20 7.97
CA ASN A 239 18.73 0.63 8.86
C ASN A 239 18.11 1.67 9.77
N LEU A 240 18.69 2.85 9.87
CA LEU A 240 18.12 3.88 10.70
C LEU A 240 17.00 4.71 9.94
N GLN A 241 16.87 4.51 8.63
CA GLN A 241 16.05 5.36 7.82
C GLN A 241 14.58 4.88 7.66
N THR A 242 14.30 3.60 7.90
CA THR A 242 13.01 3.02 7.73
C THR A 242 12.76 2.07 8.88
N ALA A 243 11.48 1.76 9.09
CA ALA A 243 11.04 0.76 10.09
C ALA A 243 9.88 -0.03 9.51
N GLU A 244 9.69 -1.24 9.97
CA GLU A 244 8.55 -2.03 9.64
C GLU A 244 7.42 -1.82 10.66
N ILE A 245 6.22 -1.51 10.17
CA ILE A 245 5.03 -1.51 11.03
C ILE A 245 4.02 -2.54 10.47
N TYR A 246 3.67 -3.50 11.30
CA TYR A 246 2.70 -4.54 10.90
C TYR A 246 1.27 -4.09 11.30
N ALA A 247 0.29 -4.69 10.65
CA ALA A 247 -1.09 -4.48 10.88
C ALA A 247 -1.74 -5.62 11.66
N SER A 248 -2.68 -5.25 12.54
CA SER A 248 -3.38 -6.18 13.34
C SER A 248 -4.76 -5.63 13.66
N HIS A 249 -5.68 -6.52 13.95
CA HIS A 249 -7.00 -6.15 14.43
C HIS A 249 -7.62 -7.39 15.10
N GLU A 250 -8.59 -7.15 15.95
CA GLU A 250 -9.37 -8.22 16.47
C GLU A 250 -10.14 -8.92 15.33
N ALA A 251 -9.89 -10.21 15.12
CA ALA A 251 -10.66 -11.03 14.18
C ALA A 251 -12.04 -11.36 14.79
N LEU A 252 -13.06 -10.60 14.40
CA LEU A 252 -14.40 -10.68 15.06
C LEU A 252 -15.39 -11.12 14.05
N VAL A 253 -15.42 -10.53 12.87
CA VAL A 253 -16.42 -10.83 11.86
C VAL A 253 -15.98 -11.92 10.94
N LEU A 254 -16.56 -13.09 11.06
CA LEU A 254 -15.97 -14.26 10.37
C LEU A 254 -16.25 -14.25 8.90
N ASP A 255 -17.29 -13.57 8.49
CA ASP A 255 -17.50 -13.36 7.07
C ASP A 255 -16.36 -12.61 6.41
N TYR A 256 -15.75 -11.65 7.11
CA TYR A 256 -14.67 -10.84 6.58
C TYR A 256 -13.41 -11.68 6.60
N GLU A 257 -13.08 -12.20 7.76
CA GLU A 257 -11.87 -12.94 7.90
C GLU A 257 -11.82 -14.16 6.96
N ARG A 258 -12.92 -14.87 6.80
CA ARG A 258 -12.84 -16.05 5.97
C ARG A 258 -12.73 -15.71 4.49
N ALA A 259 -13.28 -14.60 4.05
CA ALA A 259 -13.17 -14.27 2.67
C ALA A 259 -11.76 -13.80 2.34
N MET A 260 -10.98 -13.43 3.36
CA MET A 260 -9.63 -12.90 3.13
C MET A 260 -8.56 -13.99 3.32
N LEU A 261 -8.97 -15.23 3.47
CA LEU A 261 -8.06 -16.33 3.46
C LEU A 261 -7.46 -16.57 2.12
N ARG A 262 -6.15 -16.88 2.07
CA ARG A 262 -5.50 -17.26 0.82
C ARG A 262 -4.51 -18.34 1.14
N LEU A 263 -4.18 -19.09 0.12
CA LEU A 263 -3.20 -20.16 0.20
C LEU A 263 -1.84 -19.61 -0.22
N SER A 264 -0.79 -19.82 0.58
CA SER A 264 0.60 -19.38 0.20
C SER A 264 1.03 -20.26 -0.98
N ASP A 265 1.90 -19.77 -1.86
CA ASP A 265 2.23 -20.53 -3.09
C ASP A 265 3.20 -21.74 -2.91
N GLY A 266 3.64 -22.04 -1.67
CA GLY A 266 4.63 -23.11 -1.39
C GLY A 266 5.97 -23.01 -2.13
N ASP A 267 6.42 -21.81 -2.48
CA ASP A 267 7.78 -21.61 -2.98
C ASP A 267 8.81 -21.45 -1.83
N ASP A 268 8.36 -21.14 -0.60
CA ASP A 268 9.22 -21.13 0.63
C ASP A 268 8.62 -21.98 1.81
N GLY A 269 8.25 -23.23 1.49
CA GLY A 269 7.71 -24.24 2.41
C GLY A 269 6.52 -24.99 1.78
N GLU A 270 5.62 -25.52 2.61
CA GLU A 270 4.40 -26.19 2.11
C GLU A 270 3.29 -25.16 1.87
N PRO A 271 2.26 -25.54 1.09
CA PRO A 271 1.18 -24.58 0.96
C PRO A 271 0.39 -24.53 2.28
N GLN A 272 0.15 -23.32 2.78
CA GLN A 272 -0.61 -23.09 4.01
C GLN A 272 -1.64 -22.00 3.84
N LEU A 273 -2.57 -21.96 4.78
CA LEU A 273 -3.66 -21.05 4.77
C LEU A 273 -3.35 -19.79 5.63
N PHE A 274 -3.35 -18.62 4.99
CA PHE A 274 -3.16 -17.40 5.75
C PHE A 274 -4.36 -16.47 5.70
N ASP A 275 -4.59 -15.71 6.76
CA ASP A 275 -5.64 -14.65 6.68
C ASP A 275 -4.89 -13.38 6.28
N LEU A 276 -5.15 -12.91 5.05
CA LEU A 276 -4.40 -11.79 4.53
C LEU A 276 -5.15 -10.47 4.63
N SER A 277 -5.98 -10.34 5.66
CA SER A 277 -6.54 -9.10 6.04
C SER A 277 -5.64 -8.32 6.99
N ALA A 278 -4.58 -8.93 7.42
CA ALA A 278 -3.71 -8.37 8.44
C ALA A 278 -2.46 -9.25 8.57
N HIS A 279 -1.50 -8.84 9.40
CA HIS A 279 -0.41 -9.69 9.64
C HIS A 279 -0.73 -10.58 10.81
N THR A 280 -1.22 -9.98 11.89
CA THR A 280 -1.60 -10.76 13.04
C THR A 280 -2.93 -10.32 13.54
N VAL A 281 -3.66 -11.23 14.13
CA VAL A 281 -4.96 -10.87 14.72
C VAL A 281 -5.05 -11.47 16.06
N TRP A 282 -5.93 -10.94 16.89
CA TRP A 282 -6.25 -11.54 18.13
C TRP A 282 -7.78 -11.81 18.33
N ILE A 283 -8.08 -12.58 19.37
CA ILE A 283 -9.48 -12.93 19.78
C ILE A 283 -9.76 -12.37 21.14
N GLY A 284 -10.82 -11.56 21.19
CA GLY A 284 -11.26 -10.84 22.38
C GLY A 284 -11.93 -11.72 23.43
N GLU A 285 -12.18 -11.15 24.59
CA GLU A 285 -12.76 -11.87 25.72
C GLU A 285 -14.12 -12.47 25.42
N ARG A 286 -14.96 -11.71 24.73
CA ARG A 286 -16.30 -12.15 24.37
C ARG A 286 -16.38 -13.34 23.41
N THR A 287 -15.45 -13.42 22.46
CA THR A 287 -15.43 -14.50 21.47
C THR A 287 -14.44 -15.65 21.64
N ARG A 288 -13.74 -15.71 22.77
CA ARG A 288 -12.76 -16.75 23.00
C ARG A 288 -13.28 -18.12 23.54
N GLN A 289 -14.57 -18.41 23.42
CA GLN A 289 -15.10 -19.74 23.76
C GLN A 289 -14.20 -20.86 23.18
N ILE A 290 -13.82 -21.80 24.02
CA ILE A 290 -12.84 -22.77 23.67
C ILE A 290 -13.28 -23.65 22.49
N ASP A 291 -14.59 -23.88 22.37
CA ASP A 291 -15.16 -24.74 21.30
C ASP A 291 -15.95 -23.92 20.31
N GLY A 292 -15.70 -22.62 20.35
CA GLY A 292 -16.33 -21.67 19.44
C GLY A 292 -15.56 -21.55 18.15
N ALA A 293 -16.18 -20.85 17.19
CA ALA A 293 -15.64 -20.71 15.83
C ALA A 293 -14.43 -19.74 15.71
N HIS A 294 -14.29 -18.75 16.59
CA HIS A 294 -13.12 -17.87 16.55
C HIS A 294 -11.85 -18.60 16.88
N ILE A 295 -11.90 -19.42 17.94
CA ILE A 295 -10.71 -20.16 18.33
C ILE A 295 -10.40 -21.19 17.28
N ALA A 296 -11.43 -21.81 16.69
CA ALA A 296 -11.16 -22.80 15.65
C ALA A 296 -10.60 -22.13 14.41
N PHE A 297 -11.01 -20.89 14.14
CA PHE A 297 -10.53 -20.19 12.97
C PHE A 297 -9.09 -19.85 13.18
N ALA A 298 -8.76 -19.44 14.40
CA ALA A 298 -7.39 -19.13 14.76
C ALA A 298 -6.45 -20.33 14.62
N GLN A 299 -6.92 -21.52 15.02
CA GLN A 299 -6.09 -22.71 14.92
C GLN A 299 -5.73 -23.02 13.49
N VAL A 300 -6.71 -22.86 12.61
CA VAL A 300 -6.57 -23.13 11.19
C VAL A 300 -5.60 -22.24 10.40
N ILE A 301 -5.55 -20.95 10.71
CA ILE A 301 -4.67 -20.03 9.90
C ILE A 301 -3.23 -20.05 10.40
N ALA A 302 -2.29 -19.69 9.54
CA ALA A 302 -0.89 -19.77 9.92
C ALA A 302 -0.38 -18.46 10.54
N ASN A 303 -1.16 -17.39 10.51
CA ASN A 303 -0.74 -16.13 11.12
C ASN A 303 -0.45 -16.32 12.60
N PRO A 304 0.46 -15.56 13.19
CA PRO A 304 0.49 -15.37 14.62
C PRO A 304 -0.83 -14.83 15.14
N VAL A 305 -1.26 -15.34 16.30
CA VAL A 305 -2.48 -14.97 16.88
C VAL A 305 -2.29 -14.68 18.34
N GLY A 306 -3.19 -13.88 18.89
CA GLY A 306 -3.24 -13.58 20.29
C GLY A 306 -4.63 -13.82 20.88
N VAL A 307 -4.66 -14.05 22.22
CA VAL A 307 -5.90 -14.29 22.94
C VAL A 307 -5.85 -13.36 24.15
N LYS A 308 -6.92 -12.62 24.39
CA LYS A 308 -7.04 -11.76 25.52
C LYS A 308 -7.53 -12.56 26.70
N LEU A 309 -6.93 -12.30 27.86
CA LEU A 309 -7.17 -13.02 29.09
C LEU A 309 -7.45 -12.01 30.15
N GLY A 310 -8.67 -12.08 30.67
CA GLY A 310 -9.13 -11.16 31.68
C GLY A 310 -9.18 -11.85 33.03
N PRO A 311 -9.78 -11.15 34.01
CA PRO A 311 -9.77 -11.60 35.40
C PRO A 311 -10.43 -12.93 35.71
N ASN A 312 -11.27 -13.50 34.84
CA ASN A 312 -11.89 -14.80 35.15
C ASN A 312 -11.13 -15.94 34.58
N MET A 313 -9.95 -15.65 34.03
CA MET A 313 -9.19 -16.71 33.41
C MET A 313 -8.72 -17.67 34.51
N THR A 314 -8.77 -18.96 34.24
CA THR A 314 -8.10 -19.96 35.06
C THR A 314 -6.80 -20.39 34.36
N PRO A 315 -5.82 -20.85 35.12
CA PRO A 315 -4.66 -21.47 34.52
C PRO A 315 -4.97 -22.65 33.57
N GLU A 316 -5.99 -23.44 33.86
CA GLU A 316 -6.27 -24.64 33.04
C GLU A 316 -6.86 -24.19 31.73
N LEU A 317 -7.64 -23.14 31.76
CA LEU A 317 -8.20 -22.69 30.50
C LEU A 317 -7.08 -22.09 29.60
N ALA A 318 -6.12 -21.39 30.22
CA ALA A 318 -5.02 -20.82 29.48
C ALA A 318 -4.20 -21.91 28.82
N VAL A 319 -3.99 -23.01 29.50
CA VAL A 319 -3.28 -24.18 28.97
C VAL A 319 -4.01 -24.76 27.79
N GLU A 320 -5.33 -24.78 27.86
CA GLU A 320 -6.07 -25.32 26.75
C GLU A 320 -5.91 -24.46 25.50
N TYR A 321 -5.79 -23.14 25.67
CA TYR A 321 -5.61 -22.25 24.50
C TYR A 321 -4.26 -22.55 23.83
N VAL A 322 -3.27 -22.72 24.70
CA VAL A 322 -1.96 -23.08 24.25
C VAL A 322 -1.93 -24.39 23.50
N GLU A 323 -2.67 -25.39 23.98
CA GLU A 323 -2.62 -26.65 23.27
C GLU A 323 -3.44 -26.61 22.00
N ARG A 324 -4.51 -25.84 21.98
CA ARG A 324 -5.28 -25.68 20.75
C ARG A 324 -4.53 -24.87 19.69
N LEU A 325 -3.89 -23.76 20.11
CA LEU A 325 -3.40 -22.75 19.14
C LEU A 325 -1.96 -22.84 18.86
N ASP A 326 -1.22 -23.53 19.70
CA ASP A 326 0.21 -23.76 19.47
C ASP A 326 0.59 -25.21 19.50
N PRO A 327 -0.07 -26.02 18.71
CA PRO A 327 0.06 -27.47 18.92
C PRO A 327 1.40 -27.99 18.41
N HIS A 328 2.06 -27.26 17.52
CA HIS A 328 3.35 -27.65 17.00
C HIS A 328 4.52 -27.04 17.77
N ASN A 329 4.22 -26.46 18.91
CA ASN A 329 5.23 -25.71 19.67
C ASN A 329 6.18 -24.77 18.84
N LYS A 330 5.61 -23.74 18.19
CA LYS A 330 6.34 -22.72 17.45
C LYS A 330 6.41 -21.50 18.34
N PRO A 331 7.60 -21.18 18.82
CA PRO A 331 7.67 -20.02 19.70
C PRO A 331 7.16 -18.76 18.98
N GLY A 332 6.31 -18.02 19.68
CA GLY A 332 5.76 -16.80 19.15
C GLY A 332 4.52 -16.90 18.28
N ARG A 333 4.07 -18.11 18.01
CA ARG A 333 2.87 -18.33 17.24
C ARG A 333 1.68 -17.75 18.02
N LEU A 334 1.76 -17.88 19.34
CA LEU A 334 0.72 -17.48 20.25
C LEU A 334 1.18 -16.49 21.31
N THR A 335 0.37 -15.48 21.51
CA THR A 335 0.58 -14.45 22.47
C THR A 335 -0.62 -14.48 23.41
N LEU A 336 -0.40 -14.37 24.70
CA LEU A 336 -1.47 -14.31 25.67
C LEU A 336 -1.42 -12.95 26.25
N VAL A 337 -2.54 -12.23 26.16
CA VAL A 337 -2.62 -10.87 26.66
C VAL A 337 -3.44 -10.80 27.94
N SER A 338 -2.88 -10.14 28.95
CA SER A 338 -3.55 -10.01 30.23
C SER A 338 -4.06 -8.61 30.50
N ARG A 339 -5.36 -8.52 30.77
CA ARG A 339 -6.04 -7.29 31.08
C ARG A 339 -6.87 -7.55 32.33
N MET A 340 -6.18 -7.70 33.45
CA MET A 340 -6.82 -7.98 34.73
C MET A 340 -7.06 -6.78 35.65
N GLY A 341 -6.70 -5.57 35.22
CA GLY A 341 -6.90 -4.40 36.14
C GLY A 341 -5.68 -4.34 37.05
N ASN A 342 -5.27 -3.13 37.45
CA ASN A 342 -4.01 -2.95 38.17
C ASN A 342 -4.04 -3.49 39.58
N HIS A 343 -5.16 -3.24 40.25
CA HIS A 343 -5.45 -3.84 41.55
C HIS A 343 -5.45 -5.39 41.56
N LYS A 344 -5.61 -6.08 40.42
CA LYS A 344 -5.66 -7.55 40.46
C LYS A 344 -4.53 -8.28 39.76
N VAL A 345 -3.70 -7.58 38.98
CA VAL A 345 -2.73 -8.26 38.06
C VAL A 345 -1.70 -9.06 38.86
N ARG A 346 -1.25 -8.46 39.98
CA ARG A 346 -0.24 -9.07 40.85
C ARG A 346 -0.66 -10.41 41.48
N ASP A 347 -1.94 -10.56 41.73
CA ASP A 347 -2.49 -11.79 42.30
C ASP A 347 -2.92 -12.79 41.23
N LEU A 348 -3.63 -12.32 40.21
CA LEU A 348 -4.18 -13.24 39.18
C LEU A 348 -3.20 -13.80 38.15
N LEU A 349 -2.19 -13.03 37.78
CA LEU A 349 -1.32 -13.48 36.68
C LEU A 349 -0.31 -14.60 37.00
N PRO A 350 0.35 -14.50 38.17
CA PRO A 350 1.36 -15.54 38.48
C PRO A 350 0.91 -17.00 38.28
N PRO A 351 -0.21 -17.41 38.88
CA PRO A 351 -0.53 -18.82 38.65
C PRO A 351 -0.76 -19.17 37.18
N ILE A 352 -1.27 -18.22 36.38
CA ILE A 352 -1.50 -18.49 34.95
C ILE A 352 -0.17 -18.66 34.27
N VAL A 353 0.77 -17.80 34.60
CA VAL A 353 2.08 -17.89 33.98
C VAL A 353 2.76 -19.19 34.33
N GLU A 354 2.77 -19.54 35.62
CA GLU A 354 3.46 -20.77 36.07
C GLU A 354 2.91 -21.96 35.33
N LYS A 355 1.61 -22.05 35.26
CA LYS A 355 1.02 -23.21 34.64
C LYS A 355 1.35 -23.31 33.15
N VAL A 356 1.38 -22.18 32.45
CA VAL A 356 1.64 -22.22 30.99
C VAL A 356 3.10 -22.51 30.70
N GLN A 357 3.98 -21.90 31.50
CA GLN A 357 5.41 -22.22 31.43
C GLN A 357 5.61 -23.72 31.59
N ALA A 358 4.91 -24.32 32.55
CA ALA A 358 5.11 -25.74 32.82
C ALA A 358 4.84 -26.61 31.58
N THR A 359 3.94 -26.18 30.68
CA THR A 359 3.66 -26.96 29.48
C THR A 359 4.86 -27.12 28.54
N GLY A 360 5.92 -26.32 28.71
CA GLY A 360 7.05 -26.36 27.78
C GLY A 360 6.82 -25.56 26.49
N HIS A 361 5.66 -24.91 26.33
CA HIS A 361 5.47 -23.98 25.19
C HIS A 361 6.06 -22.59 25.43
N GLN A 362 6.32 -21.86 24.36
CA GLN A 362 6.90 -20.54 24.52
C GLN A 362 5.99 -19.49 23.94
N VAL A 363 5.11 -19.00 24.77
CA VAL A 363 4.17 -17.97 24.41
C VAL A 363 4.79 -16.63 24.65
N ILE A 364 4.23 -15.60 24.02
CA ILE A 364 4.60 -14.23 24.35
C ILE A 364 3.58 -13.79 25.38
N TRP A 365 4.06 -13.19 26.45
CA TRP A 365 3.27 -12.62 27.51
C TRP A 365 3.20 -11.15 27.24
N GLN A 366 2.01 -10.65 26.98
CA GLN A 366 1.83 -9.25 26.63
C GLN A 366 0.84 -8.57 27.57
N CYS A 367 1.13 -7.34 27.97
CA CYS A 367 0.25 -6.65 28.87
C CYS A 367 -0.70 -5.69 28.11
N ASP A 368 -1.99 -5.85 28.34
CA ASP A 368 -2.98 -4.85 27.95
C ASP A 368 -3.44 -4.13 29.19
N PRO A 369 -2.80 -3.00 29.46
CA PRO A 369 -3.14 -2.17 30.62
C PRO A 369 -4.51 -1.47 30.59
N MET A 370 -4.91 -0.98 29.42
CA MET A 370 -6.15 -0.21 29.22
C MET A 370 -7.54 -0.80 29.47
N HIS A 371 -7.78 -2.02 29.01
CA HIS A 371 -9.10 -2.66 29.14
C HIS A 371 -9.66 -2.99 30.52
N GLY A 372 -8.80 -3.46 31.43
CA GLY A 372 -9.19 -3.86 32.77
C GLY A 372 -9.35 -2.67 33.68
N ASN A 373 -9.04 -1.45 33.22
CA ASN A 373 -9.07 -0.26 34.09
C ASN A 373 -10.00 0.84 33.61
N THR A 374 -11.07 0.46 32.94
CA THR A 374 -12.00 1.45 32.39
C THR A 374 -13.06 1.79 33.46
N HIS A 375 -13.45 3.05 33.63
CA HIS A 375 -14.63 3.46 34.49
C HIS A 375 -15.46 4.64 33.85
N GLU A 376 -16.67 4.92 34.36
CA GLU A 376 -17.49 6.12 33.94
C GLU A 376 -17.21 7.34 34.85
N SER A 377 -17.07 8.51 34.27
CA SER A 377 -16.78 9.73 35.03
C SER A 377 -18.10 10.32 35.47
N SER A 378 -18.08 11.21 36.47
CA SER A 378 -19.30 11.96 36.92
C SER A 378 -19.91 12.75 35.77
N THR A 379 -19.05 13.19 34.87
CA THR A 379 -19.41 14.01 33.72
C THR A 379 -20.00 13.19 32.56
N GLY A 380 -20.14 11.87 32.73
CA GLY A 380 -20.75 10.96 31.72
C GLY A 380 -19.78 9.98 31.04
N PHE A 381 -18.59 10.47 30.71
CA PHE A 381 -17.75 9.80 29.72
C PHE A 381 -17.05 8.56 30.28
N LYS A 382 -17.16 7.46 29.53
CA LYS A 382 -16.30 6.27 29.74
C LYS A 382 -14.82 6.70 29.72
N THR A 383 -14.10 6.41 30.80
CA THR A 383 -12.71 6.83 30.89
C THR A 383 -11.80 5.90 31.69
N ARG A 384 -10.50 6.08 31.49
CA ARG A 384 -9.49 5.29 32.16
C ARG A 384 -8.50 6.26 32.79
N HIS A 385 -7.91 5.87 33.91
CA HIS A 385 -6.95 6.77 34.55
C HIS A 385 -5.52 6.35 34.26
N PHE A 386 -4.74 7.32 33.80
CA PHE A 386 -3.34 7.11 33.44
C PHE A 386 -2.56 6.31 34.46
N ASP A 387 -2.70 6.68 35.73
CA ASP A 387 -1.93 6.06 36.79
C ASP A 387 -2.29 4.60 36.95
N ARG A 388 -3.55 4.25 36.68
CA ARG A 388 -3.97 2.85 36.78
C ARG A 388 -3.34 2.04 35.63
N ILE A 389 -3.18 2.70 34.49
CA ILE A 389 -2.62 2.06 33.34
C ILE A 389 -1.14 1.78 33.59
N VAL A 390 -0.42 2.79 34.03
CA VAL A 390 0.99 2.63 34.34
C VAL A 390 1.13 1.53 35.35
N ASP A 391 0.25 1.54 36.34
CA ASP A 391 0.43 0.64 37.48
C ASP A 391 0.17 -0.82 37.12
N GLU A 392 -0.73 -1.09 36.17
CA GLU A 392 -0.90 -2.46 35.68
C GLU A 392 0.37 -2.98 34.99
N VAL A 393 1.05 -2.10 34.26
CA VAL A 393 2.24 -2.50 33.51
C VAL A 393 3.36 -2.77 34.55
N GLN A 394 3.47 -1.84 35.51
CA GLN A 394 4.34 -2.04 36.66
C GLN A 394 4.13 -3.44 37.25
N GLY A 395 2.88 -3.80 37.55
CA GLY A 395 2.69 -5.05 38.23
C GLY A 395 2.93 -6.23 37.32
N PHE A 396 2.60 -6.05 36.04
CA PHE A 396 2.92 -7.03 35.03
C PHE A 396 4.46 -7.24 35.03
N PHE A 397 5.25 -6.18 35.11
CA PHE A 397 6.70 -6.35 35.19
C PHE A 397 7.14 -7.09 36.44
N GLU A 398 6.52 -6.80 37.59
CA GLU A 398 6.90 -7.45 38.87
C GLU A 398 6.57 -8.92 38.89
N VAL A 399 5.43 -9.30 38.32
CA VAL A 399 5.08 -10.70 38.20
C VAL A 399 6.18 -11.45 37.45
N HIS A 400 6.68 -10.88 36.35
CA HIS A 400 7.59 -11.64 35.47
C HIS A 400 8.97 -11.71 36.05
N ARG A 401 9.40 -10.60 36.61
CA ARG A 401 10.63 -10.53 37.39
C ARG A 401 10.67 -11.69 38.39
N ALA A 402 9.65 -11.81 39.25
CA ALA A 402 9.59 -12.83 40.28
C ALA A 402 9.64 -14.22 39.70
N LEU A 403 9.02 -14.47 38.55
CA LEU A 403 9.06 -15.80 38.03
C LEU A 403 10.24 -16.08 37.12
N GLY A 404 11.07 -15.08 36.87
CA GLY A 404 12.12 -15.18 35.83
C GLY A 404 11.63 -15.40 34.40
N THR A 405 10.45 -14.89 34.07
CA THR A 405 9.90 -15.03 32.69
C THR A 405 10.04 -13.68 32.01
N HIS A 406 9.91 -13.67 30.72
CA HIS A 406 10.08 -12.48 29.92
C HIS A 406 8.75 -11.70 29.86
N PRO A 407 8.71 -10.48 30.43
CA PRO A 407 7.64 -9.56 30.03
C PRO A 407 7.77 -9.15 28.54
N GLY A 408 6.93 -9.71 27.69
CA GLY A 408 7.14 -9.73 26.24
C GLY A 408 6.79 -8.47 25.48
N GLY A 409 5.86 -7.71 26.02
CA GLY A 409 5.37 -6.52 25.33
C GLY A 409 4.13 -5.89 25.91
N ILE A 410 3.63 -4.88 25.23
CA ILE A 410 2.38 -4.21 25.63
C ILE A 410 1.44 -4.02 24.46
N HIS A 411 0.17 -3.88 24.80
CA HIS A 411 -0.92 -3.65 23.84
C HIS A 411 -1.72 -2.49 24.32
N VAL A 412 -1.68 -1.35 23.63
CA VAL A 412 -2.31 -0.13 24.14
C VAL A 412 -3.14 0.55 23.09
N GLU A 413 -4.09 1.38 23.54
CA GLU A 413 -4.97 2.14 22.68
C GLU A 413 -4.50 3.58 22.77
N ILE A 414 -4.14 4.12 21.62
CA ILE A 414 -3.48 5.41 21.58
C ILE A 414 -3.89 6.09 20.27
N THR A 415 -3.58 7.38 20.19
CA THR A 415 -3.70 8.14 18.98
C THR A 415 -2.65 9.25 18.99
N GLY A 416 -2.38 9.75 17.79
CA GLY A 416 -1.53 10.88 17.62
C GLY A 416 -2.15 12.23 17.85
N GLU A 417 -3.47 12.24 17.96
CA GLU A 417 -4.26 13.43 18.12
C GLU A 417 -4.18 13.88 19.57
N ASN A 418 -4.43 15.16 19.79
CA ASN A 418 -4.45 15.66 21.16
C ASN A 418 -5.86 15.61 21.87
N VAL A 419 -6.36 14.40 22.02
CA VAL A 419 -7.70 14.16 22.49
C VAL A 419 -7.64 14.19 24.00
N THR A 420 -8.81 14.20 24.62
CA THR A 420 -8.97 14.26 26.07
C THR A 420 -9.90 13.09 26.45
N GLU A 421 -9.35 11.88 26.51
CA GLU A 421 -10.18 10.69 26.70
C GLU A 421 -9.85 9.93 27.95
N CYS A 422 -8.58 9.92 28.31
CA CYS A 422 -8.05 9.29 29.49
C CYS A 422 -7.62 10.42 30.45
N LEU A 423 -7.95 10.26 31.74
CA LEU A 423 -7.59 11.23 32.75
C LEU A 423 -6.11 11.08 33.12
N GLY A 424 -5.52 12.18 33.58
CA GLY A 424 -4.20 12.19 34.16
C GLY A 424 -3.07 12.40 33.15
N GLY A 425 -1.93 11.73 33.39
CA GLY A 425 -0.66 12.06 32.74
C GLY A 425 -0.17 13.45 33.16
N ALA A 426 0.93 13.90 32.57
CA ALA A 426 1.55 15.19 32.90
C ALA A 426 0.67 16.39 32.58
N GLN A 427 -0.18 16.28 31.57
CA GLN A 427 -1.11 17.36 31.25
C GLN A 427 -2.24 17.44 32.28
N ASP A 428 -2.34 16.44 33.15
CA ASP A 428 -3.29 16.44 34.24
C ASP A 428 -4.72 16.60 33.71
N ILE A 429 -5.11 15.75 32.77
CA ILE A 429 -6.47 15.82 32.24
C ILE A 429 -7.49 15.46 33.34
N SER A 430 -8.40 16.41 33.63
CA SER A 430 -9.49 16.26 34.61
C SER A 430 -10.82 15.81 34.00
N GLU A 431 -11.75 15.44 34.87
CA GLU A 431 -13.16 15.13 34.48
C GLU A 431 -13.86 16.18 33.63
N THR A 432 -13.64 17.45 33.89
CA THR A 432 -14.24 18.45 33.05
C THR A 432 -13.47 18.67 31.73
N ASP A 433 -12.17 18.36 31.66
CA ASP A 433 -11.44 18.48 30.39
C ASP A 433 -11.94 17.48 29.36
N LEU A 434 -12.44 16.32 29.82
CA LEU A 434 -12.92 15.26 28.91
C LEU A 434 -13.88 15.69 27.80
N ALA A 435 -14.75 16.63 28.13
CA ALA A 435 -15.71 17.20 27.18
C ALA A 435 -15.09 17.91 25.95
N GLY A 436 -13.87 18.41 26.07
CA GLY A 436 -13.20 19.16 25.00
C GLY A 436 -13.00 18.40 23.70
N ARG A 437 -12.39 17.22 23.77
CA ARG A 437 -12.08 16.45 22.58
C ARG A 437 -12.16 14.97 22.87
N TYR A 438 -13.36 14.49 23.17
CA TYR A 438 -13.63 13.10 23.41
C TYR A 438 -14.11 12.57 22.07
N GLU A 439 -13.21 11.98 21.29
CA GLU A 439 -13.55 11.73 19.91
C GLU A 439 -13.66 10.25 19.62
N THR A 440 -13.25 9.37 20.54
CA THR A 440 -13.23 7.93 20.24
C THR A 440 -14.61 7.38 19.85
N ALA A 441 -14.66 6.41 18.94
CA ALA A 441 -15.95 5.78 18.63
C ALA A 441 -16.18 4.59 19.54
N CYS A 442 -15.32 4.33 20.52
CA CYS A 442 -15.53 3.26 21.46
C CYS A 442 -14.77 3.55 22.79
N ASP A 443 -13.74 2.82 23.15
CA ASP A 443 -12.99 3.12 24.39
C ASP A 443 -12.07 4.36 24.32
N PRO A 444 -11.78 4.94 25.47
CA PRO A 444 -10.90 6.11 25.55
C PRO A 444 -9.49 5.71 25.15
N ARG A 445 -8.82 6.58 24.40
CA ARG A 445 -7.46 6.30 23.95
C ARG A 445 -6.47 7.30 24.52
N LEU A 446 -5.30 6.82 24.90
CA LEU A 446 -4.29 7.72 25.40
C LEU A 446 -3.92 8.63 24.24
N ASN A 447 -3.78 9.92 24.54
CA ASN A 447 -3.41 10.89 23.55
C ASN A 447 -1.87 10.80 23.26
N THR A 448 -1.43 11.61 22.34
CA THR A 448 -0.05 11.52 21.88
C THR A 448 0.98 11.78 22.97
N GLN A 449 0.74 12.81 23.77
CA GLN A 449 1.56 13.05 24.95
C GLN A 449 1.51 11.95 25.95
N GLN A 450 0.34 11.39 26.19
CA GLN A 450 0.25 10.40 27.25
C GLN A 450 0.89 9.09 26.81
N SER A 451 0.70 8.76 25.52
CA SER A 451 1.22 7.54 24.95
C SER A 451 2.78 7.59 25.02
N LEU A 452 3.34 8.77 24.84
CA LEU A 452 4.79 8.90 24.86
C LEU A 452 5.32 8.85 26.28
N GLU A 453 4.59 9.51 27.16
CA GLU A 453 4.95 9.49 28.58
C GLU A 453 4.98 8.07 29.09
N LEU A 454 3.99 7.29 28.74
CA LEU A 454 3.93 5.92 29.17
C LEU A 454 5.14 5.13 28.67
N ALA A 455 5.59 5.41 27.45
CA ALA A 455 6.78 4.72 26.91
C ALA A 455 8.05 5.08 27.76
N PHE A 456 8.23 6.33 28.15
CA PHE A 456 9.27 6.66 29.14
C PHE A 456 9.18 5.87 30.39
N LEU A 457 7.97 5.72 30.91
CA LEU A 457 7.80 5.03 32.21
C LEU A 457 8.11 3.56 32.05
N VAL A 458 7.71 3.01 30.94
CA VAL A 458 7.95 1.61 30.73
C VAL A 458 9.42 1.30 30.43
N ALA A 459 10.09 2.21 29.73
CA ALA A 459 11.54 2.14 29.54
C ALA A 459 12.27 2.11 30.88
N GLU A 460 11.80 2.87 31.85
CA GLU A 460 12.38 2.85 33.17
C GLU A 460 12.15 1.46 33.78
N MET A 461 10.97 0.89 33.53
CA MET A 461 10.65 -0.43 34.06
C MET A 461 11.58 -1.47 33.43
N LEU A 462 11.86 -1.32 32.14
CA LEU A 462 12.71 -2.26 31.43
C LEU A 462 14.16 -2.26 31.95
N ARG A 463 14.66 -1.07 32.25
CA ARG A 463 16.01 -0.86 32.74
C ARG A 463 16.35 -1.33 34.17
N ASP A 464 15.34 -1.48 35.02
CA ASP A 464 15.55 -1.80 36.45
C ASP A 464 14.84 -3.09 36.88
N MET B 3 -25.31 -5.92 -5.61
CA MET B 3 -25.54 -4.81 -4.69
C MET B 3 -24.42 -3.78 -4.88
N ASN B 4 -24.41 -2.77 -3.98
CA ASN B 4 -23.50 -1.65 -3.97
C ASN B 4 -22.93 -1.38 -2.61
N TRP B 5 -21.79 -0.72 -2.57
CA TRP B 5 -21.33 -0.25 -1.31
C TRP B 5 -21.43 1.20 -1.45
N THR B 6 -21.40 1.92 -0.36
CA THR B 6 -21.88 3.29 -0.41
C THR B 6 -21.03 4.16 0.52
N VAL B 7 -20.55 5.33 0.07
CA VAL B 7 -19.63 6.12 0.90
C VAL B 7 -20.29 7.45 1.17
N ASP B 8 -20.18 7.87 2.43
CA ASP B 8 -20.51 9.19 2.89
C ASP B 8 -19.71 10.29 2.23
N ILE B 9 -20.43 11.36 1.89
CA ILE B 9 -19.81 12.56 1.37
C ILE B 9 -19.46 13.41 2.58
N PRO B 10 -18.17 13.63 2.84
CA PRO B 10 -17.83 14.50 4.01
C PRO B 10 -18.54 15.90 4.06
N ILE B 11 -18.69 16.49 5.25
CA ILE B 11 -19.44 17.80 5.45
C ILE B 11 -18.71 19.07 5.96
N PRO B 18 -7.70 23.94 5.98
CA PRO B 18 -6.61 24.97 5.81
C PRO B 18 -6.37 25.34 4.30
N PRO B 19 -6.71 26.59 3.87
CA PRO B 19 -6.81 26.71 2.38
C PRO B 19 -5.46 26.71 1.63
N LEU B 20 -5.45 26.42 0.33
CA LEU B 20 -4.22 26.62 -0.41
C LEU B 20 -3.71 28.05 -0.25
N PRO B 21 -2.38 28.23 -0.27
CA PRO B 21 -1.86 29.58 -0.48
C PRO B 21 -2.46 30.17 -1.72
N THR B 22 -2.63 31.52 -1.69
CA THR B 22 -3.37 32.21 -2.73
C THR B 22 -2.86 32.01 -4.16
N ASP B 23 -1.57 32.13 -4.34
CA ASP B 23 -0.96 31.97 -5.64
C ASP B 23 -1.20 30.57 -6.21
N LEU B 24 -1.17 29.53 -5.38
CA LEU B 24 -1.39 28.17 -5.93
C LEU B 24 -2.83 28.01 -6.30
N ARG B 25 -3.73 28.55 -5.47
CA ARG B 25 -5.16 28.53 -5.80
C ARG B 25 -5.44 29.27 -7.10
N THR B 26 -4.86 30.45 -7.26
CA THR B 26 -4.99 31.19 -8.53
C THR B 26 -4.43 30.47 -9.73
N ARG B 27 -3.20 29.93 -9.60
CA ARG B 27 -2.62 29.19 -10.73
C ARG B 27 -3.39 27.94 -11.03
N LEU B 28 -3.95 27.31 -10.01
CA LEU B 28 -4.63 26.06 -10.27
C LEU B 28 -5.97 26.35 -10.98
N ASP B 29 -6.70 27.37 -10.48
CA ASP B 29 -7.99 27.78 -11.08
C ASP B 29 -7.75 28.19 -12.53
N ALA B 30 -6.69 28.98 -12.76
CA ALA B 30 -6.34 29.38 -14.11
C ALA B 30 -6.12 28.18 -15.02
N ALA B 31 -5.44 27.17 -14.51
CA ALA B 31 -5.11 26.03 -15.35
C ALA B 31 -6.36 25.25 -15.71
N LEU B 32 -7.24 25.10 -14.75
CA LEU B 32 -8.47 24.31 -14.99
C LEU B 32 -9.54 25.06 -15.73
N ALA B 33 -9.49 26.39 -15.82
CA ALA B 33 -10.46 27.14 -16.66
C ALA B 33 -10.11 27.08 -18.16
N LYS B 34 -8.90 26.62 -18.48
CA LYS B 34 -8.48 26.46 -19.87
C LYS B 34 -9.20 25.29 -20.57
N PRO B 35 -9.21 25.32 -21.96
CA PRO B 35 -9.93 24.18 -22.58
C PRO B 35 -9.31 22.82 -22.27
N ALA B 36 -10.16 21.81 -22.13
CA ALA B 36 -9.76 20.50 -21.78
C ALA B 36 -10.47 19.55 -22.72
N ALA B 37 -9.68 18.85 -23.51
CA ALA B 37 -10.18 17.87 -24.42
C ALA B 37 -10.38 16.58 -23.70
N GLN B 38 -11.15 15.70 -24.32
CA GLN B 38 -11.38 14.32 -23.88
C GLN B 38 -11.95 14.12 -22.50
N GLN B 39 -12.62 15.12 -21.97
CA GLN B 39 -13.21 14.96 -20.70
C GLN B 39 -14.51 14.17 -20.80
N PRO B 40 -14.82 13.42 -19.74
CA PRO B 40 -16.17 12.82 -19.61
C PRO B 40 -17.29 13.86 -19.49
N THR B 41 -18.53 13.48 -19.76
CA THR B 41 -19.62 14.43 -19.80
C THR B 41 -20.50 13.83 -18.71
N TRP B 42 -20.59 14.46 -17.57
CA TRP B 42 -21.37 13.92 -16.49
C TRP B 42 -21.72 15.14 -15.67
N PRO B 43 -22.77 15.06 -14.91
CA PRO B 43 -23.24 16.28 -14.25
C PRO B 43 -22.21 16.86 -13.28
N ALA B 44 -22.04 18.18 -13.32
CA ALA B 44 -21.04 18.88 -12.45
C ALA B 44 -21.32 18.71 -10.95
N ASP B 45 -22.57 18.57 -10.55
CA ASP B 45 -22.88 18.43 -9.13
C ASP B 45 -22.46 17.05 -8.62
N GLN B 46 -22.60 16.06 -9.48
CA GLN B 46 -22.21 14.71 -9.13
C GLN B 46 -20.67 14.60 -9.12
N ALA B 47 -20.02 15.18 -10.11
CA ALA B 47 -18.55 15.21 -10.12
C ALA B 47 -18.00 15.90 -8.84
N LEU B 48 -18.60 17.00 -8.43
CA LEU B 48 -18.18 17.70 -7.20
C LEU B 48 -18.23 16.79 -6.01
N ALA B 49 -19.30 16.01 -5.93
CA ALA B 49 -19.53 15.16 -4.78
C ALA B 49 -18.41 14.11 -4.71
N MET B 50 -18.10 13.51 -5.86
CA MET B 50 -17.07 12.49 -5.94
C MET B 50 -15.70 13.09 -5.58
N ARG B 51 -15.46 14.30 -6.07
CA ARG B 51 -14.21 14.97 -5.78
C ARG B 51 -14.07 15.23 -4.28
N THR B 52 -15.18 15.59 -3.65
CA THR B 52 -15.17 15.88 -2.22
C THR B 52 -14.71 14.63 -1.47
N VAL B 53 -15.14 13.46 -1.92
CA VAL B 53 -14.71 12.21 -1.31
C VAL B 53 -13.21 12.00 -1.57
N LEU B 54 -12.75 12.17 -2.82
CA LEU B 54 -11.39 11.87 -3.13
C LEU B 54 -10.45 12.86 -2.49
N GLU B 55 -10.92 14.07 -2.21
CA GLU B 55 -10.10 15.01 -1.49
C GLU B 55 -9.81 14.52 -0.09
N SER B 56 -10.61 13.58 0.41
CA SER B 56 -10.43 13.09 1.77
C SER B 56 -9.75 11.73 1.93
N VAL B 57 -9.43 11.04 0.84
CA VAL B 57 -8.81 9.74 0.98
C VAL B 57 -7.29 9.80 1.26
N PRO B 58 -6.73 8.73 1.86
CA PRO B 58 -5.28 8.35 1.81
C PRO B 58 -4.70 8.32 0.41
N PRO B 59 -3.69 9.14 0.18
CA PRO B 59 -3.23 9.24 -1.20
C PRO B 59 -2.60 7.90 -1.64
N VAL B 60 -2.44 7.69 -2.95
CA VAL B 60 -1.79 6.53 -3.45
C VAL B 60 -0.28 6.56 -3.32
N THR B 61 0.31 7.78 -3.45
CA THR B 61 1.71 8.04 -3.21
C THR B 61 1.91 9.17 -2.25
N VAL B 62 3.14 9.36 -1.78
CA VAL B 62 3.49 10.50 -0.94
C VAL B 62 4.61 11.35 -1.51
N PRO B 63 4.65 12.62 -1.10
CA PRO B 63 5.57 13.55 -1.75
C PRO B 63 7.03 13.18 -1.74
N SER B 64 7.49 12.61 -0.64
CA SER B 64 8.90 12.36 -0.61
C SER B 64 9.26 11.17 -1.51
N GLU B 65 8.35 10.33 -1.93
CA GLU B 65 8.70 9.31 -2.98
C GLU B 65 8.85 9.96 -4.34
N ILE B 66 8.10 11.01 -4.53
CA ILE B 66 8.09 11.69 -5.75
C ILE B 66 9.38 12.53 -5.88
N VAL B 67 9.85 13.13 -4.80
CA VAL B 67 11.17 13.82 -4.87
C VAL B 67 12.29 12.78 -5.09
N ARG B 68 12.14 11.57 -4.57
CA ARG B 68 13.11 10.56 -4.84
C ARG B 68 13.09 10.07 -6.28
N LEU B 69 11.90 9.88 -6.84
CA LEU B 69 11.83 9.57 -8.26
C LEU B 69 12.47 10.68 -9.09
N GLN B 70 12.18 11.90 -8.75
CA GLN B 70 12.78 13.02 -9.47
C GLN B 70 14.33 12.94 -9.57
N GLU B 71 14.98 12.65 -8.44
CA GLU B 71 16.42 12.54 -8.32
C GLU B 71 16.98 11.40 -9.14
N GLN B 72 16.25 10.32 -9.20
CA GLN B 72 16.62 9.19 -10.00
C GLN B 72 16.44 9.41 -11.49
N LEU B 73 15.37 10.12 -11.85
CA LEU B 73 15.13 10.55 -13.23
C LEU B 73 16.14 11.60 -13.67
N ALA B 74 16.66 12.40 -12.75
CA ALA B 74 17.75 13.32 -13.11
C ALA B 74 18.98 12.53 -13.56
N GLN B 75 19.32 11.46 -12.86
CA GLN B 75 20.38 10.57 -13.33
C GLN B 75 20.11 10.06 -14.74
N VAL B 76 18.86 9.69 -15.01
CA VAL B 76 18.55 9.26 -16.38
C VAL B 76 18.85 10.35 -17.37
N ALA B 77 18.37 11.54 -17.05
CA ALA B 77 18.56 12.66 -17.95
C ALA B 77 20.03 12.91 -18.23
N LYS B 78 20.88 12.74 -17.23
CA LYS B 78 22.33 12.97 -17.40
C LYS B 78 23.06 11.84 -18.09
N GLY B 79 22.37 10.79 -18.53
CA GLY B 79 23.06 9.69 -19.17
C GLY B 79 23.61 8.68 -18.17
N GLU B 80 23.13 8.69 -16.94
CA GLU B 80 23.68 7.78 -15.91
C GLU B 80 22.73 6.72 -15.39
N ALA B 81 21.48 6.73 -15.81
CA ALA B 81 20.60 5.63 -15.58
C ALA B 81 19.71 5.50 -16.80
N PHE B 82 18.80 4.55 -16.75
CA PHE B 82 17.94 4.23 -17.86
C PHE B 82 16.52 3.97 -17.29
N LEU B 83 15.49 4.42 -18.01
CA LEU B 83 14.12 4.35 -17.56
C LEU B 83 13.34 3.24 -18.26
N LEU B 84 12.69 2.41 -17.48
CA LEU B 84 11.84 1.44 -18.06
C LEU B 84 10.44 1.66 -17.54
N GLN B 85 9.51 1.82 -18.47
CA GLN B 85 8.16 2.17 -18.11
C GLN B 85 7.24 1.22 -18.81
N GLY B 86 6.37 0.53 -18.06
CA GLY B 86 5.60 -0.56 -18.67
C GLY B 86 4.44 -1.15 -17.84
N GLY B 87 3.49 -1.80 -18.51
CA GLY B 87 2.31 -2.38 -17.92
C GLY B 87 1.16 -2.34 -18.95
N ASP B 88 -0.05 -2.50 -18.45
CA ASP B 88 -1.24 -2.64 -19.28
C ASP B 88 -1.51 -1.36 -20.04
N CYS B 89 -2.10 -1.50 -21.21
CA CYS B 89 -2.61 -0.33 -21.92
C CYS B 89 -3.71 0.31 -21.07
N ALA B 90 -4.63 -0.50 -20.58
CA ALA B 90 -5.80 -0.03 -19.85
C ALA B 90 -5.99 -1.00 -18.70
N GLU B 91 -5.88 -0.59 -17.44
CA GLU B 91 -6.16 -1.59 -16.39
C GLU B 91 -7.71 -1.61 -16.28
N THR B 92 -8.30 -2.74 -15.89
CA THR B 92 -9.72 -2.81 -15.61
C THR B 92 -9.98 -3.24 -14.21
N PHE B 93 -11.15 -2.85 -13.73
CA PHE B 93 -11.60 -3.23 -12.37
C PHE B 93 -11.69 -4.71 -12.16
N MET B 94 -12.13 -5.40 -13.22
CA MET B 94 -12.33 -6.85 -13.19
C MET B 94 -10.98 -7.62 -13.22
N ASP B 95 -9.92 -7.10 -13.81
CA ASP B 95 -8.63 -7.80 -13.81
C ASP B 95 -7.65 -7.23 -12.76
N ASN B 96 -8.14 -6.45 -11.80
CA ASN B 96 -7.30 -5.90 -10.78
C ASN B 96 -7.18 -6.90 -9.63
N THR B 97 -6.56 -8.04 -9.92
CA THR B 97 -6.47 -9.16 -9.01
C THR B 97 -5.03 -9.45 -8.64
N GLU B 98 -4.84 -10.25 -7.62
CA GLU B 98 -3.53 -10.53 -7.15
C GLU B 98 -2.68 -11.18 -8.27
N PRO B 99 -3.19 -12.20 -8.95
CA PRO B 99 -2.30 -12.79 -10.01
C PRO B 99 -1.98 -11.85 -11.15
N HIS B 100 -2.94 -11.07 -11.58
CA HIS B 100 -2.70 -10.18 -12.67
C HIS B 100 -1.68 -9.10 -12.27
N ILE B 101 -1.87 -8.52 -11.12
CA ILE B 101 -0.88 -7.57 -10.65
C ILE B 101 0.52 -8.15 -10.46
N ARG B 102 0.61 -9.30 -9.79
CA ARG B 102 1.90 -9.94 -9.54
C ARG B 102 2.58 -10.29 -10.84
N GLY B 103 1.81 -10.69 -11.83
CA GLY B 103 2.40 -11.04 -13.12
C GLY B 103 2.96 -9.85 -13.90
N ASN B 104 2.29 -8.72 -13.84
CA ASN B 104 2.78 -7.53 -14.51
C ASN B 104 4.00 -6.97 -13.83
N VAL B 105 4.00 -7.01 -12.51
CA VAL B 105 5.15 -6.55 -11.74
C VAL B 105 6.33 -7.46 -12.07
N ARG B 106 6.05 -8.75 -12.16
CA ARG B 106 7.06 -9.74 -12.48
C ARG B 106 7.62 -9.53 -13.89
N ALA B 107 6.74 -9.24 -14.84
CA ALA B 107 7.16 -9.03 -16.21
C ALA B 107 8.07 -7.82 -16.30
N LEU B 108 7.72 -6.76 -15.58
CA LEU B 108 8.54 -5.58 -15.56
C LEU B 108 9.95 -5.86 -14.89
N LEU B 109 9.97 -6.59 -13.78
CA LEU B 109 11.21 -6.92 -13.07
C LEU B 109 12.17 -7.76 -13.91
N GLN B 110 11.62 -8.67 -14.67
CA GLN B 110 12.42 -9.51 -15.58
C GLN B 110 13.12 -8.73 -16.63
N MET B 111 12.38 -7.82 -17.26
CA MET B 111 12.98 -6.95 -18.21
C MET B 111 14.02 -6.12 -17.53
N ALA B 112 13.71 -5.58 -16.34
CA ALA B 112 14.68 -4.77 -15.70
C ALA B 112 16.04 -5.43 -15.46
N VAL B 113 16.09 -6.68 -15.06
CA VAL B 113 17.39 -7.27 -14.72
C VAL B 113 18.25 -7.28 -15.97
N VAL B 114 17.65 -7.62 -17.09
CA VAL B 114 18.32 -7.75 -18.33
C VAL B 114 18.81 -6.41 -18.85
N LEU B 115 18.02 -5.35 -18.67
CA LEU B 115 18.40 -4.04 -19.16
C LEU B 115 19.45 -3.44 -18.24
N THR B 116 19.37 -3.76 -16.97
CA THR B 116 20.35 -3.30 -16.00
C THR B 116 21.74 -3.84 -16.37
N TYR B 117 21.83 -5.14 -16.64
CA TYR B 117 23.04 -5.73 -17.11
C TYR B 117 23.47 -5.10 -18.41
N GLY B 118 22.55 -4.96 -19.35
CA GLY B 118 22.92 -4.58 -20.69
C GLY B 118 23.33 -3.13 -20.73
N ALA B 119 22.69 -2.27 -19.95
CA ALA B 119 23.10 -0.87 -19.92
C ALA B 119 24.26 -0.58 -19.01
N SER B 120 24.61 -1.50 -18.13
CA SER B 120 25.59 -1.25 -17.14
C SER B 120 25.31 -0.03 -16.31
N MET B 121 24.06 0.19 -15.95
CA MET B 121 23.71 1.26 -15.01
C MET B 121 22.29 1.03 -14.43
N PRO B 122 21.90 1.82 -13.47
CA PRO B 122 20.60 1.56 -12.88
C PRO B 122 19.44 1.77 -13.84
N VAL B 123 18.40 1.01 -13.60
CA VAL B 123 17.14 1.09 -14.33
C VAL B 123 16.08 1.59 -13.40
N VAL B 124 15.39 2.65 -13.79
CA VAL B 124 14.34 3.19 -12.96
C VAL B 124 13.12 2.45 -13.42
N LYS B 125 12.47 1.75 -12.49
CA LYS B 125 11.31 0.96 -12.86
C LYS B 125 10.02 1.68 -12.53
N VAL B 126 9.28 1.98 -13.59
CA VAL B 126 8.00 2.64 -13.45
C VAL B 126 6.94 1.77 -14.11
N ALA B 127 5.91 1.42 -13.35
CA ALA B 127 4.84 0.61 -13.89
C ALA B 127 3.70 1.53 -14.33
N ARG B 128 2.96 1.08 -15.34
CA ARG B 128 1.77 1.79 -15.77
C ARG B 128 0.72 1.05 -14.93
N ILE B 129 0.48 1.52 -13.71
CA ILE B 129 -0.46 0.84 -12.83
C ILE B 129 -1.05 1.74 -11.74
N ALA B 130 -2.13 1.27 -11.10
CA ALA B 130 -2.79 2.02 -10.05
C ALA B 130 -3.22 3.34 -10.65
N GLY B 131 -3.84 3.31 -11.83
CA GLY B 131 -4.34 4.58 -12.37
C GLY B 131 -4.57 4.78 -13.85
N GLN B 132 -4.12 3.85 -14.68
CA GLN B 132 -4.39 3.99 -16.10
C GLN B 132 -5.75 3.35 -16.27
N TYR B 133 -6.82 4.06 -15.90
CA TYR B 133 -8.13 3.43 -16.00
C TYR B 133 -8.94 4.17 -17.04
N ALA B 134 -8.34 5.20 -17.64
CA ALA B 134 -9.04 6.01 -18.65
C ALA B 134 -8.27 6.20 -19.96
N LYS B 135 -8.98 6.47 -21.06
CA LYS B 135 -8.30 6.65 -22.34
C LYS B 135 -9.06 7.70 -23.14
N PRO B 136 -8.36 8.37 -24.06
CA PRO B 136 -9.02 9.27 -24.97
C PRO B 136 -9.61 8.49 -26.11
N ARG B 137 -10.50 9.14 -26.87
CA ARG B 137 -10.97 8.60 -28.13
C ARG B 137 -10.97 9.60 -29.27
N SER B 138 -10.57 9.08 -30.42
CA SER B 138 -10.63 9.82 -31.65
C SER B 138 -12.14 9.95 -32.04
N ALA B 139 -12.92 8.90 -31.83
CA ALA B 139 -14.34 8.90 -32.19
C ALA B 139 -15.28 8.72 -30.96
N ASP B 140 -16.27 9.58 -30.80
CA ASP B 140 -17.23 9.42 -29.72
C ASP B 140 -18.01 8.13 -29.96
N ILE B 141 -18.29 7.83 -31.23
CA ILE B 141 -19.05 6.65 -31.62
C ILE B 141 -18.16 5.57 -32.26
N ASP B 142 -18.21 4.40 -31.67
CA ASP B 142 -17.31 3.36 -32.09
C ASP B 142 -17.87 2.63 -33.30
N ALA B 143 -17.15 1.62 -33.74
CA ALA B 143 -17.50 0.89 -34.95
C ALA B 143 -18.80 0.09 -34.79
N LEU B 144 -19.23 -0.20 -33.55
CA LEU B 144 -20.55 -0.85 -33.30
C LEU B 144 -21.72 0.16 -33.22
N GLY B 145 -21.43 1.43 -33.46
CA GLY B 145 -22.40 2.46 -33.17
C GLY B 145 -22.67 2.80 -31.71
N LEU B 146 -21.84 2.37 -30.78
CA LEU B 146 -22.01 2.80 -29.36
C LEU B 146 -21.10 3.95 -28.98
N ARG B 147 -21.54 4.69 -27.97
CA ARG B 147 -20.69 5.62 -27.26
C ARG B 147 -19.41 4.88 -26.92
N SER B 148 -18.29 5.47 -27.29
CA SER B 148 -17.00 4.80 -27.04
C SER B 148 -16.71 4.53 -25.58
N TYR B 149 -15.99 3.43 -25.37
CA TYR B 149 -15.53 3.04 -24.06
C TYR B 149 -14.28 3.87 -23.84
N ARG B 150 -14.25 4.61 -22.74
CA ARG B 150 -13.12 5.47 -22.42
C ARG B 150 -12.33 5.02 -21.20
N GLY B 151 -12.49 3.75 -20.83
CA GLY B 151 -11.82 3.22 -19.63
C GLY B 151 -12.73 3.19 -18.43
N ASP B 152 -12.39 2.33 -17.49
CA ASP B 152 -13.23 2.06 -16.36
C ASP B 152 -13.45 3.22 -15.37
N MET B 153 -12.60 4.24 -15.40
CA MET B 153 -12.81 5.47 -14.61
C MET B 153 -14.01 6.26 -15.19
N ILE B 154 -14.41 5.93 -16.41
CA ILE B 154 -15.49 6.67 -17.07
C ILE B 154 -16.71 5.82 -17.36
N ASN B 155 -16.52 4.74 -18.07
CA ASN B 155 -17.61 3.89 -18.39
C ASN B 155 -17.23 2.44 -18.49
N GLY B 156 -18.14 1.59 -18.99
CA GLY B 156 -17.91 0.10 -18.98
C GLY B 156 -17.52 -0.42 -20.36
N PHE B 157 -16.69 -1.47 -20.38
CA PHE B 157 -16.24 -2.09 -21.62
C PHE B 157 -17.38 -2.75 -22.38
N ALA B 158 -18.33 -3.34 -21.67
CA ALA B 158 -19.35 -4.21 -22.29
C ALA B 158 -20.05 -3.44 -23.40
N PRO B 159 -20.30 -4.13 -24.53
CA PRO B 159 -20.91 -3.45 -25.68
C PRO B 159 -22.42 -3.24 -25.52
N ASP B 160 -22.84 -2.33 -24.65
CA ASP B 160 -24.25 -1.94 -24.61
C ASP B 160 -24.42 -0.53 -24.10
N ALA B 161 -25.40 0.17 -24.70
CA ALA B 161 -25.67 1.58 -24.40
C ALA B 161 -25.58 1.92 -22.89
N ALA B 162 -26.22 1.10 -22.07
CA ALA B 162 -26.37 1.43 -20.68
C ALA B 162 -24.98 1.49 -20.08
N ALA B 163 -24.17 0.47 -20.37
CA ALA B 163 -22.89 0.38 -19.72
C ALA B 163 -21.96 1.53 -20.15
N ARG B 164 -22.18 2.09 -21.35
CA ARG B 164 -21.38 3.17 -21.86
C ARG B 164 -21.72 4.57 -21.37
N GLU B 165 -22.78 4.72 -20.58
CA GLU B 165 -23.06 6.01 -19.99
C GLU B 165 -21.90 6.39 -19.07
N HIS B 166 -21.59 7.67 -19.03
CA HIS B 166 -20.51 8.17 -18.25
C HIS B 166 -20.95 8.25 -16.81
N ASP B 167 -20.27 7.55 -15.89
CA ASP B 167 -20.78 7.38 -14.53
C ASP B 167 -19.77 7.89 -13.54
N PRO B 168 -20.01 9.02 -12.92
CA PRO B 168 -19.02 9.59 -11.98
C PRO B 168 -18.71 8.76 -10.77
N SER B 169 -19.53 7.77 -10.45
CA SER B 169 -19.27 6.92 -9.29
C SER B 169 -17.95 6.18 -9.51
N ARG B 170 -17.60 6.02 -10.79
CA ARG B 170 -16.38 5.33 -11.20
C ARG B 170 -15.10 6.01 -10.72
N LEU B 171 -15.16 7.32 -10.47
CA LEU B 171 -13.98 8.05 -10.00
C LEU B 171 -13.48 7.49 -8.67
N VAL B 172 -14.40 7.19 -7.77
CA VAL B 172 -14.10 6.64 -6.50
C VAL B 172 -13.76 5.18 -6.62
N ARG B 173 -14.45 4.46 -7.47
CA ARG B 173 -14.12 3.09 -7.67
C ARG B 173 -12.67 2.94 -8.21
N ALA B 174 -12.29 3.83 -9.09
CA ALA B 174 -10.96 3.91 -9.59
C ALA B 174 -9.91 4.16 -8.48
N TYR B 175 -10.17 5.12 -7.58
CA TYR B 175 -9.23 5.34 -6.49
C TYR B 175 -9.15 4.08 -5.65
N ALA B 176 -10.27 3.42 -5.39
CA ALA B 176 -10.25 2.29 -4.52
C ALA B 176 -9.44 1.14 -5.13
N ASN B 177 -9.65 0.89 -6.41
CA ASN B 177 -8.89 -0.07 -7.13
C ASN B 177 -7.41 0.32 -7.23
N ALA B 178 -7.11 1.61 -7.36
CA ALA B 178 -5.72 2.07 -7.44
C ALA B 178 -4.96 1.86 -6.14
N SER B 179 -5.57 2.25 -5.05
CA SER B 179 -4.98 2.14 -3.79
C SER B 179 -4.69 0.68 -3.42
N ALA B 180 -5.64 -0.22 -3.68
CA ALA B 180 -5.47 -1.60 -3.37
C ALA B 180 -4.35 -2.25 -4.17
N ALA B 181 -4.30 -1.91 -5.45
CA ALA B 181 -3.27 -2.47 -6.24
C ALA B 181 -1.93 -1.93 -5.74
N MET B 182 -1.85 -0.64 -5.42
CA MET B 182 -0.61 -0.05 -5.06
C MET B 182 -0.13 -0.71 -3.75
N ASN B 183 -1.05 -0.90 -2.85
CA ASN B 183 -0.72 -1.59 -1.64
C ASN B 183 0.04 -2.92 -1.89
N LEU B 184 -0.40 -3.62 -2.91
CA LEU B 184 0.05 -4.91 -3.21
C LEU B 184 1.36 -4.79 -3.95
N VAL B 185 1.51 -3.81 -4.84
CA VAL B 185 2.79 -3.58 -5.46
C VAL B 185 3.87 -3.31 -4.39
N ARG B 186 3.57 -2.44 -3.43
CA ARG B 186 4.53 -2.15 -2.33
C ARG B 186 4.87 -3.42 -1.55
N ALA B 187 3.87 -4.25 -1.24
CA ALA B 187 4.08 -5.45 -0.44
C ALA B 187 4.96 -6.41 -1.19
N LEU B 188 4.68 -6.59 -2.47
CA LEU B 188 5.37 -7.54 -3.23
C LEU B 188 6.86 -7.15 -3.49
N THR B 189 7.13 -5.88 -3.68
CA THR B 189 8.48 -5.46 -4.00
C THR B 189 9.37 -5.39 -2.80
N SER B 190 8.81 -5.32 -1.60
CA SER B 190 9.63 -5.24 -0.39
C SER B 190 9.63 -6.58 0.30
N SER B 191 8.99 -7.59 -0.31
CA SER B 191 8.77 -8.88 0.39
C SER B 191 9.38 -10.09 -0.24
N GLY B 192 10.04 -9.96 -1.38
CA GLY B 192 10.73 -11.13 -1.98
C GLY B 192 10.48 -11.31 -3.43
N LEU B 193 9.35 -10.84 -3.95
CA LEU B 193 9.14 -10.99 -5.37
C LEU B 193 10.20 -10.26 -6.19
N ALA B 194 10.73 -9.19 -5.62
CA ALA B 194 11.71 -8.41 -6.36
C ALA B 194 13.14 -8.74 -5.90
N SER B 195 13.35 -9.92 -5.37
CA SER B 195 14.70 -10.42 -5.14
C SER B 195 15.40 -10.67 -6.46
N LEU B 196 16.57 -10.08 -6.66
CA LEU B 196 17.27 -10.25 -7.93
C LEU B 196 17.53 -11.68 -8.37
N HIS B 197 17.95 -12.50 -7.43
CA HIS B 197 18.28 -13.91 -7.73
C HIS B 197 17.05 -14.66 -8.16
N LEU B 198 15.91 -14.38 -7.52
CA LEU B 198 14.63 -15.06 -7.87
C LEU B 198 14.15 -14.62 -9.24
N VAL B 199 14.27 -13.33 -9.53
CA VAL B 199 13.78 -12.78 -10.83
C VAL B 199 14.61 -13.35 -11.96
N HIS B 200 15.91 -13.38 -11.71
CA HIS B 200 16.83 -13.95 -12.68
C HIS B 200 16.60 -15.45 -12.89
N ASP B 201 16.21 -16.21 -11.86
CA ASP B 201 15.81 -17.63 -12.10
C ASP B 201 14.64 -17.80 -13.03
N TRP B 202 13.69 -16.89 -12.98
CA TRP B 202 12.65 -16.89 -14.01
C TRP B 202 13.19 -16.58 -15.39
N ASN B 203 14.11 -15.64 -15.51
CA ASN B 203 14.69 -15.44 -16.81
C ASN B 203 15.38 -16.70 -17.36
N ARG B 204 15.96 -17.51 -16.48
CA ARG B 204 16.67 -18.75 -16.90
C ARG B 204 15.67 -19.75 -17.44
N GLU B 205 14.51 -19.92 -16.76
CA GLU B 205 13.42 -20.83 -17.20
C GLU B 205 12.89 -20.39 -18.55
N PHE B 206 12.80 -19.10 -18.77
CA PHE B 206 12.32 -18.61 -20.06
C PHE B 206 13.32 -18.93 -21.18
N VAL B 207 14.60 -18.82 -20.89
CA VAL B 207 15.64 -19.12 -21.90
C VAL B 207 15.60 -20.60 -22.24
N ARG B 208 15.45 -21.41 -21.22
CA ARG B 208 15.29 -22.82 -21.38
C ARG B 208 14.11 -23.25 -22.23
N THR B 209 12.97 -22.57 -22.20
CA THR B 209 11.77 -23.05 -22.92
C THR B 209 11.38 -22.20 -24.15
N SER B 210 11.80 -20.95 -24.24
CA SER B 210 11.50 -20.17 -25.43
C SER B 210 12.02 -20.87 -26.70
N PRO B 211 11.23 -20.86 -27.79
CA PRO B 211 11.72 -21.34 -29.08
C PRO B 211 12.98 -20.67 -29.58
N ALA B 212 13.24 -19.43 -29.17
CA ALA B 212 14.47 -18.76 -29.54
C ALA B 212 15.47 -18.72 -28.38
N GLY B 213 15.25 -19.56 -27.37
CA GLY B 213 16.08 -19.57 -26.16
C GLY B 213 17.57 -19.58 -26.46
N ALA B 214 17.98 -20.38 -27.43
CA ALA B 214 19.38 -20.47 -27.87
C ALA B 214 19.94 -19.10 -28.23
N ARG B 215 19.13 -18.26 -28.84
CA ARG B 215 19.59 -16.94 -29.28
C ARG B 215 20.02 -16.04 -28.09
N TYR B 216 19.40 -16.26 -26.93
CA TYR B 216 19.52 -15.42 -25.77
C TYR B 216 20.36 -16.03 -24.65
N GLU B 217 20.87 -17.22 -24.90
CA GLU B 217 21.56 -18.07 -23.92
C GLU B 217 22.88 -17.47 -23.45
N ALA B 218 23.58 -16.87 -24.38
CA ALA B 218 24.86 -16.26 -24.06
C ALA B 218 24.68 -15.14 -23.06
N LEU B 219 23.71 -14.29 -23.34
CA LEU B 219 23.46 -13.14 -22.51
C LEU B 219 22.94 -13.56 -21.17
N ALA B 220 22.06 -14.54 -21.12
CA ALA B 220 21.61 -15.01 -19.86
C ALA B 220 22.68 -15.65 -18.96
N THR B 221 23.60 -16.37 -19.57
CA THR B 221 24.74 -16.98 -18.90
C THR B 221 25.71 -15.91 -18.36
N GLU B 222 25.96 -14.90 -19.16
CA GLU B 222 26.77 -13.83 -18.77
C GLU B 222 26.12 -13.03 -17.59
N ILE B 223 24.79 -12.87 -17.58
CA ILE B 223 24.18 -12.31 -16.42
C ILE B 223 24.31 -13.18 -15.19
N ASP B 224 24.10 -14.46 -15.34
CA ASP B 224 24.26 -15.41 -14.26
C ASP B 224 25.66 -15.36 -13.60
N ARG B 225 26.70 -15.25 -14.44
CA ARG B 225 28.05 -15.08 -13.93
C ARG B 225 28.35 -13.74 -13.27
N GLY B 226 27.68 -12.70 -13.74
CA GLY B 226 27.74 -11.42 -13.10
C GLY B 226 27.18 -11.46 -11.73
N LEU B 227 26.02 -12.09 -11.58
CA LEU B 227 25.49 -12.28 -10.25
C LEU B 227 26.36 -13.10 -9.34
N ARG B 228 26.89 -14.21 -9.85
CA ARG B 228 27.70 -15.06 -8.97
C ARG B 228 28.95 -14.30 -8.58
N PHE B 229 29.50 -13.48 -9.49
CA PHE B 229 30.63 -12.59 -9.15
C PHE B 229 30.46 -11.71 -7.94
N MET B 230 29.25 -11.16 -7.75
CA MET B 230 28.97 -10.29 -6.66
C MET B 230 29.06 -11.04 -5.40
N SER B 231 28.50 -12.24 -5.47
CA SER B 231 28.48 -13.17 -4.37
C SER B 231 29.90 -13.60 -4.06
N ALA B 232 30.66 -13.84 -5.10
CA ALA B 232 32.06 -14.24 -4.91
C ALA B 232 32.93 -13.12 -4.30
N CYS B 233 32.59 -11.86 -4.59
CA CYS B 233 33.28 -10.70 -4.02
C CYS B 233 32.79 -10.31 -2.65
N GLY B 234 31.87 -11.09 -2.11
CA GLY B 234 31.34 -10.88 -0.77
C GLY B 234 30.56 -9.58 -0.58
N VAL B 235 29.97 -9.07 -1.65
CA VAL B 235 29.21 -7.83 -1.55
C VAL B 235 27.92 -8.05 -0.78
N ALA B 236 27.48 -7.04 -0.02
CA ALA B 236 26.25 -7.16 0.75
C ALA B 236 25.08 -7.37 -0.20
N ASP B 237 24.19 -8.29 0.17
CA ASP B 237 23.03 -8.61 -0.64
C ASP B 237 21.73 -7.92 -0.26
N ARG B 238 21.78 -6.99 0.69
CA ARG B 238 20.55 -6.33 1.10
C ARG B 238 19.91 -5.57 -0.05
N ASN B 239 20.70 -4.87 -0.84
CA ASN B 239 20.19 -4.18 -1.95
C ASN B 239 19.77 -5.03 -3.13
N LEU B 240 20.10 -6.30 -3.07
CA LEU B 240 19.65 -7.25 -4.09
C LEU B 240 18.24 -7.84 -3.79
N GLN B 241 17.74 -7.60 -2.59
CA GLN B 241 16.55 -8.31 -2.11
C GLN B 241 15.28 -7.60 -2.48
N THR B 242 15.34 -6.28 -2.76
CA THR B 242 14.17 -5.46 -3.05
C THR B 242 14.46 -4.50 -4.18
N ALA B 243 13.38 -4.04 -4.78
CA ALA B 243 13.45 -3.02 -5.82
C ALA B 243 12.30 -2.03 -5.63
N GLU B 244 12.49 -0.84 -6.12
CA GLU B 244 11.45 0.14 -6.16
C GLU B 244 10.69 0.12 -7.47
N ILE B 245 9.37 0.10 -7.42
CA ILE B 245 8.50 0.23 -8.63
C ILE B 245 7.54 1.36 -8.48
N TYR B 246 7.70 2.36 -9.31
CA TYR B 246 6.87 3.55 -9.21
C TYR B 246 5.57 3.37 -10.05
N ALA B 247 4.56 4.11 -9.69
CA ALA B 247 3.30 4.10 -10.44
C ALA B 247 3.15 5.32 -11.36
N SER B 248 2.49 5.10 -12.49
CA SER B 248 2.30 6.14 -13.51
C SER B 248 1.05 5.83 -14.28
N HIS B 249 0.42 6.88 -14.79
CA HIS B 249 -0.69 6.74 -15.66
C HIS B 249 -0.80 8.05 -16.43
N GLU B 250 -1.45 8.02 -17.57
CA GLU B 250 -1.79 9.20 -18.27
C GLU B 250 -2.74 10.07 -17.44
N ALA B 251 -2.38 11.31 -17.16
CA ALA B 251 -3.28 12.25 -16.54
C ALA B 251 -4.28 12.77 -17.59
N LEU B 252 -5.48 12.17 -17.61
CA LEU B 252 -6.46 12.43 -18.63
C LEU B 252 -7.67 13.02 -17.99
N VAL B 253 -8.18 12.42 -16.92
CA VAL B 253 -9.43 12.92 -16.31
C VAL B 253 -9.16 13.95 -15.25
N LEU B 254 -9.52 15.20 -15.52
CA LEU B 254 -9.07 16.28 -14.61
C LEU B 254 -9.86 16.36 -13.36
N ASP B 255 -11.06 15.80 -13.36
CA ASP B 255 -11.79 15.66 -12.13
C ASP B 255 -11.10 14.72 -11.14
N TYR B 256 -10.47 13.65 -11.64
CA TYR B 256 -9.75 12.72 -10.81
C TYR B 256 -8.44 13.37 -10.34
N GLU B 257 -7.63 13.84 -11.28
CA GLU B 257 -6.34 14.42 -10.94
C GLU B 257 -6.40 15.60 -9.99
N ARG B 258 -7.41 16.45 -10.12
CA ARG B 258 -7.47 17.60 -9.28
C ARG B 258 -7.95 17.29 -7.85
N ALA B 259 -8.74 16.24 -7.69
CA ALA B 259 -9.15 15.84 -6.38
C ALA B 259 -8.02 15.12 -5.65
N MET B 260 -7.04 14.61 -6.37
CA MET B 260 -5.89 13.93 -5.73
C MET B 260 -4.66 14.82 -5.48
N LEU B 261 -4.80 16.14 -5.71
CA LEU B 261 -3.77 17.05 -5.33
C LEU B 261 -3.64 17.15 -3.84
N ARG B 262 -2.43 17.27 -3.36
CA ARG B 262 -2.20 17.59 -1.97
C ARG B 262 -1.04 18.55 -1.95
N LEU B 263 -1.01 19.38 -0.93
CA LEU B 263 0.02 20.33 -0.73
C LEU B 263 1.09 19.67 0.12
N SER B 264 2.35 19.74 -0.26
CA SER B 264 3.46 19.19 0.55
C SER B 264 3.72 20.16 1.67
N ASP B 265 4.43 19.72 2.72
CA ASP B 265 5.01 20.72 3.65
C ASP B 265 6.18 21.61 3.04
N GLY B 266 6.60 22.59 3.82
CA GLY B 266 7.85 23.28 3.56
C GLY B 266 9.12 22.62 4.17
N ASP B 267 9.12 21.30 4.36
CA ASP B 267 10.36 20.57 4.75
C ASP B 267 11.37 20.49 3.57
N ASP B 268 10.98 20.92 2.35
CA ASP B 268 11.88 21.10 1.15
C ASP B 268 11.59 22.43 0.35
N GLY B 269 12.18 23.59 0.68
CA GLY B 269 11.72 24.87 0.06
C GLY B 269 10.26 25.24 0.43
N GLU B 270 9.51 25.80 -0.51
CA GLU B 270 8.14 26.25 -0.24
C GLU B 270 7.07 25.17 -0.44
N PRO B 271 5.90 25.38 0.13
CA PRO B 271 4.90 24.34 -0.10
C PRO B 271 4.54 24.28 -1.63
N GLN B 272 4.38 23.07 -2.18
CA GLN B 272 3.98 22.86 -3.56
C GLN B 272 2.86 21.86 -3.70
N LEU B 273 2.23 21.86 -4.85
CA LEU B 273 1.15 20.94 -5.16
C LEU B 273 1.72 19.73 -5.78
N PHE B 274 1.49 18.57 -5.19
CA PHE B 274 1.79 17.28 -5.83
C PHE B 274 0.52 16.53 -6.18
N ASP B 275 0.52 15.82 -7.30
CA ASP B 275 -0.66 14.98 -7.65
C ASP B 275 -0.34 13.60 -7.06
N LEU B 276 -1.08 13.20 -6.04
CA LEU B 276 -0.72 11.98 -5.31
C LEU B 276 -1.53 10.81 -5.73
N SER B 277 -2.00 10.83 -6.99
CA SER B 277 -2.59 9.68 -7.63
C SER B 277 -1.57 8.74 -8.21
N ALA B 278 -0.32 9.17 -8.24
CA ALA B 278 0.73 8.49 -8.91
C ALA B 278 2.05 9.15 -8.59
N HIS B 279 3.15 8.58 -9.10
CA HIS B 279 4.43 9.19 -8.88
C HIS B 279 4.72 10.08 -10.05
N THR B 280 4.49 9.61 -11.26
CA THR B 280 4.68 10.39 -12.41
C THR B 280 3.55 10.18 -13.38
N VAL B 281 3.21 11.22 -14.17
CA VAL B 281 2.12 11.08 -15.14
C VAL B 281 2.56 11.69 -16.43
N TRP B 282 1.91 11.30 -17.52
CA TRP B 282 2.19 11.88 -18.77
C TRP B 282 0.92 12.40 -19.46
N ILE B 283 1.14 13.20 -20.49
CA ILE B 283 0.05 13.79 -21.31
C ILE B 283 0.13 13.25 -22.72
N GLY B 284 -0.97 12.62 -23.16
CA GLY B 284 -1.09 11.94 -24.48
C GLY B 284 -1.21 12.94 -25.62
N GLU B 285 -1.11 12.44 -26.82
CA GLU B 285 -1.21 13.15 -28.10
C GLU B 285 -2.48 13.95 -28.25
N ARG B 286 -3.58 13.44 -27.74
CA ARG B 286 -4.88 14.08 -27.94
C ARG B 286 -5.19 15.09 -26.89
N THR B 287 -4.36 15.20 -25.86
CA THR B 287 -4.61 16.25 -24.82
C THR B 287 -3.51 17.23 -24.59
N ARG B 288 -2.50 17.21 -25.45
CA ARG B 288 -1.32 18.06 -25.31
C ARG B 288 -1.37 19.45 -25.91
N GLN B 289 -2.55 19.96 -26.18
CA GLN B 289 -2.71 21.34 -26.64
C GLN B 289 -1.89 22.30 -25.82
N ILE B 290 -1.13 23.16 -26.47
CA ILE B 290 -0.12 23.95 -25.75
C ILE B 290 -0.74 24.91 -24.74
N ASP B 291 -1.97 25.34 -25.02
CA ASP B 291 -2.70 26.31 -24.19
C ASP B 291 -3.90 25.68 -23.49
N GLY B 292 -3.90 24.35 -23.54
CA GLY B 292 -4.95 23.53 -22.96
C GLY B 292 -4.71 23.31 -21.50
N ALA B 293 -5.72 22.75 -20.87
CA ALA B 293 -5.69 22.56 -19.43
C ALA B 293 -4.75 21.45 -18.97
N HIS B 294 -4.52 20.41 -19.78
CA HIS B 294 -3.59 19.32 -19.35
C HIS B 294 -2.19 19.85 -19.20
N ILE B 295 -1.70 20.61 -20.17
CA ILE B 295 -0.35 21.16 -20.08
C ILE B 295 -0.24 22.13 -18.95
N ALA B 296 -1.29 22.93 -18.74
CA ALA B 296 -1.27 23.88 -17.65
C ALA B 296 -1.35 23.23 -16.30
N PHE B 297 -2.09 22.15 -16.19
CA PHE B 297 -2.18 21.40 -14.92
C PHE B 297 -0.80 20.78 -14.69
N ALA B 298 -0.17 20.24 -15.72
CA ALA B 298 1.20 19.70 -15.55
C ALA B 298 2.19 20.77 -15.08
N GLN B 299 1.97 22.03 -15.42
CA GLN B 299 2.91 23.10 -15.01
C GLN B 299 2.72 23.40 -13.62
N VAL B 300 1.55 23.09 -13.08
CA VAL B 300 1.33 23.46 -11.71
C VAL B 300 1.82 22.40 -10.72
N ILE B 301 1.83 21.14 -11.10
CA ILE B 301 2.20 20.10 -10.08
C ILE B 301 3.71 19.88 -10.06
N ALA B 302 4.23 19.31 -8.97
CA ALA B 302 5.66 19.16 -8.85
C ALA B 302 6.11 17.77 -9.27
N ASN B 303 5.20 16.89 -9.61
CA ASN B 303 5.60 15.57 -10.11
C ASN B 303 6.42 15.66 -11.38
N PRO B 304 7.32 14.68 -11.67
CA PRO B 304 7.88 14.50 -13.00
C PRO B 304 6.79 14.17 -13.98
N VAL B 305 6.87 14.75 -15.16
CA VAL B 305 5.83 14.60 -16.15
C VAL B 305 6.45 14.25 -17.47
N GLY B 306 5.67 13.60 -18.32
CA GLY B 306 6.03 13.26 -19.67
C GLY B 306 5.00 13.74 -20.72
N VAL B 307 5.46 13.94 -21.96
CA VAL B 307 4.61 14.40 -23.04
C VAL B 307 4.87 13.53 -24.23
N LYS B 308 3.82 12.95 -24.78
CA LYS B 308 3.94 12.04 -25.94
C LYS B 308 4.01 12.91 -27.20
N LEU B 309 4.97 12.56 -28.07
CA LEU B 309 5.34 13.28 -29.29
C LEU B 309 5.28 12.33 -30.45
N GLY B 310 4.36 12.63 -31.37
CA GLY B 310 4.07 11.76 -32.50
C GLY B 310 4.52 12.42 -33.76
N PRO B 311 4.10 11.85 -34.90
CA PRO B 311 4.71 12.20 -36.18
C PRO B 311 4.46 13.60 -36.70
N ASN B 312 3.54 14.36 -36.12
CA ASN B 312 3.41 15.77 -36.59
C ASN B 312 4.18 16.75 -35.70
N MET B 313 5.01 16.24 -34.81
CA MET B 313 5.68 17.14 -33.89
C MET B 313 6.73 17.92 -34.66
N THR B 314 6.87 19.22 -34.37
CA THR B 314 7.90 20.04 -34.95
C THR B 314 8.92 20.29 -33.84
N PRO B 315 10.16 20.60 -34.24
CA PRO B 315 11.16 20.96 -33.28
C PRO B 315 10.83 22.19 -32.45
N GLU B 316 10.16 23.16 -33.06
CA GLU B 316 9.81 24.39 -32.35
C GLU B 316 8.73 24.09 -31.32
N LEU B 317 7.82 23.19 -31.61
CA LEU B 317 6.77 22.95 -30.65
C LEU B 317 7.33 22.16 -29.44
N ALA B 318 8.27 21.26 -29.71
CA ALA B 318 8.91 20.50 -28.66
C ALA B 318 9.67 21.41 -27.72
N VAL B 319 10.37 22.39 -28.26
CA VAL B 319 11.08 23.41 -27.45
C VAL B 319 10.06 24.16 -26.57
N GLU B 320 8.88 24.41 -27.10
CA GLU B 320 7.92 25.17 -26.34
C GLU B 320 7.40 24.31 -25.13
N TYR B 321 7.31 23.00 -25.28
CA TYR B 321 6.86 22.16 -24.16
C TYR B 321 7.91 22.18 -23.05
N VAL B 322 9.17 22.07 -23.49
CA VAL B 322 10.28 22.16 -22.61
C VAL B 322 10.30 23.48 -21.86
N GLU B 323 10.03 24.58 -22.53
CA GLU B 323 10.11 25.84 -21.80
C GLU B 323 8.92 26.03 -20.88
N ARG B 324 7.79 25.44 -21.21
CA ARG B 324 6.60 25.49 -20.30
C ARG B 324 6.68 24.58 -19.13
N LEU B 325 7.16 23.37 -19.37
CA LEU B 325 7.12 22.32 -18.38
C LEU B 325 8.41 22.15 -17.60
N ASP B 326 9.51 22.68 -18.12
CA ASP B 326 10.81 22.63 -17.40
C ASP B 326 11.41 24.01 -17.32
N PRO B 327 10.65 24.98 -16.82
CA PRO B 327 11.10 26.37 -16.83
C PRO B 327 12.24 26.68 -15.88
N HIS B 328 12.43 25.88 -14.84
CA HIS B 328 13.55 26.06 -13.92
C HIS B 328 14.80 25.27 -14.30
N ASN B 329 14.79 24.63 -15.46
CA ASN B 329 15.89 23.68 -15.87
C ASN B 329 16.30 22.62 -14.78
N LYS B 330 15.35 21.76 -14.38
CA LYS B 330 15.58 20.64 -13.44
C LYS B 330 15.69 19.41 -14.30
N PRO B 331 16.90 18.90 -14.43
CA PRO B 331 17.04 17.70 -15.19
C PRO B 331 16.09 16.57 -14.70
N GLY B 332 15.42 15.92 -15.65
CA GLY B 332 14.52 14.81 -15.35
C GLY B 332 13.10 15.22 -14.99
N ARG B 333 12.86 16.52 -14.90
CA ARG B 333 11.54 17.04 -14.61
C ARG B 333 10.60 16.66 -15.76
N LEU B 334 11.14 16.71 -16.97
CA LEU B 334 10.37 16.41 -18.17
C LEU B 334 10.95 15.31 -19.06
N THR B 335 10.08 14.41 -19.50
CA THR B 335 10.42 13.33 -20.41
C THR B 335 9.65 13.52 -21.68
N LEU B 336 10.28 13.37 -22.82
CA LEU B 336 9.62 13.53 -24.08
C LEU B 336 9.61 12.13 -24.65
N VAL B 337 8.41 11.64 -24.96
CA VAL B 337 8.24 10.30 -25.35
C VAL B 337 7.96 10.27 -26.84
N SER B 338 8.88 9.70 -27.57
CA SER B 338 8.82 9.61 -29.02
C SER B 338 8.00 8.42 -29.43
N ARG B 339 6.97 8.64 -30.25
CA ARG B 339 6.19 7.52 -30.90
C ARG B 339 5.81 7.88 -32.34
N MET B 340 6.69 7.53 -33.25
CA MET B 340 6.70 7.99 -34.60
C MET B 340 6.33 6.88 -35.56
N GLY B 341 6.48 5.60 -35.15
CA GLY B 341 6.41 4.48 -36.09
C GLY B 341 7.80 4.19 -36.59
N ASN B 342 8.08 2.92 -36.93
CA ASN B 342 9.46 2.51 -37.15
C ASN B 342 9.99 3.03 -38.45
N HIS B 343 9.14 2.98 -39.46
CA HIS B 343 9.42 3.57 -40.78
C HIS B 343 9.72 5.09 -40.73
N LYS B 344 9.33 5.81 -39.68
CA LYS B 344 9.58 7.26 -39.64
C LYS B 344 10.50 7.79 -38.57
N VAL B 345 10.90 6.94 -37.61
CA VAL B 345 11.60 7.48 -36.39
C VAL B 345 12.96 8.09 -36.77
N ARG B 346 13.65 7.40 -37.69
CA ARG B 346 14.96 7.82 -38.17
C ARG B 346 14.99 9.21 -38.82
N ASP B 347 13.93 9.59 -39.49
CA ASP B 347 13.83 10.89 -40.20
C ASP B 347 13.26 11.94 -39.32
N LEU B 348 12.17 11.64 -38.61
CA LEU B 348 11.47 12.67 -37.79
C LEU B 348 12.15 13.07 -36.46
N LEU B 349 12.83 12.13 -35.79
CA LEU B 349 13.36 12.45 -34.44
C LEU B 349 14.60 13.36 -34.38
N PRO B 350 15.57 13.15 -35.27
CA PRO B 350 16.78 13.95 -35.17
C PRO B 350 16.56 15.43 -35.06
N PRO B 351 15.79 16.03 -35.97
CA PRO B 351 15.75 17.48 -35.82
C PRO B 351 15.09 17.93 -34.51
N ILE B 352 14.17 17.11 -33.96
CA ILE B 352 13.55 17.42 -32.67
C ILE B 352 14.57 17.33 -31.57
N VAL B 353 15.42 16.31 -31.64
CA VAL B 353 16.46 16.16 -30.62
C VAL B 353 17.49 17.27 -30.68
N GLU B 354 17.99 17.57 -31.86
CA GLU B 354 19.01 18.66 -32.01
C GLU B 354 18.49 19.96 -31.44
N LYS B 355 17.28 20.30 -31.79
CA LYS B 355 16.73 21.57 -31.36
C LYS B 355 16.54 21.63 -29.84
N VAL B 356 16.12 20.52 -29.23
CA VAL B 356 15.89 20.53 -27.79
C VAL B 356 17.18 20.53 -27.02
N GLN B 357 18.14 19.77 -27.50
CA GLN B 357 19.52 19.81 -26.93
C GLN B 357 20.12 21.22 -26.97
N ALA B 358 19.92 21.90 -28.09
CA ALA B 358 20.41 23.30 -28.18
C ALA B 358 19.87 24.25 -27.07
N THR B 359 18.67 24.02 -26.55
CA THR B 359 18.15 24.87 -25.46
C THR B 359 18.97 24.84 -24.12
N GLY B 360 19.86 23.84 -23.97
CA GLY B 360 20.56 23.61 -22.70
C GLY B 360 19.74 22.87 -21.62
N HIS B 361 18.46 22.55 -21.89
CA HIS B 361 17.68 21.73 -20.95
C HIS B 361 17.99 20.25 -21.09
N GLN B 362 17.70 19.52 -20.05
CA GLN B 362 18.07 18.13 -20.01
C GLN B 362 16.86 17.30 -19.78
N VAL B 363 16.27 16.89 -20.88
CA VAL B 363 15.09 16.08 -20.89
C VAL B 363 15.48 14.64 -20.97
N ILE B 364 14.55 13.75 -20.65
CA ILE B 364 14.79 12.34 -20.87
C ILE B 364 14.09 12.06 -22.15
N TRP B 365 14.79 11.38 -23.06
CA TRP B 365 14.33 10.93 -24.32
C TRP B 365 13.92 9.50 -24.19
N GLN B 366 12.63 9.23 -24.41
CA GLN B 366 12.12 7.91 -24.15
C GLN B 366 11.41 7.41 -25.38
N CYS B 367 11.60 6.16 -25.70
CA CYS B 367 10.96 5.61 -26.88
C CYS B 367 9.69 4.84 -26.55
N ASP B 368 8.60 5.24 -27.19
CA ASP B 368 7.34 4.45 -27.16
C ASP B 368 7.19 3.78 -28.49
N PRO B 369 7.67 2.56 -28.58
CA PRO B 369 7.71 1.92 -29.87
C PRO B 369 6.44 1.20 -30.16
N MET B 370 5.40 1.40 -29.36
CA MET B 370 4.17 0.64 -29.55
C MET B 370 3.02 1.32 -30.28
N HIS B 371 2.73 2.54 -29.87
CA HIS B 371 1.63 3.31 -30.41
C HIS B 371 1.74 3.72 -31.88
N GLY B 372 2.95 4.02 -32.33
CA GLY B 372 3.10 4.48 -33.70
C GLY B 372 3.08 3.31 -34.66
N ASN B 373 2.99 2.07 -34.17
CA ASN B 373 2.97 0.87 -35.05
C ASN B 373 1.76 -0.04 -34.93
N THR B 374 0.59 0.52 -34.64
CA THR B 374 -0.63 -0.30 -34.47
C THR B 374 -1.31 -0.46 -35.83
N HIS B 375 -1.81 -1.65 -36.18
CA HIS B 375 -2.65 -1.86 -37.38
C HIS B 375 -3.82 -2.86 -37.11
N GLU B 376 -4.78 -2.95 -38.04
CA GLU B 376 -5.87 -3.94 -37.94
C GLU B 376 -5.52 -5.22 -38.73
N SER B 377 -5.82 -6.40 -38.19
CA SER B 377 -5.53 -7.67 -38.88
C SER B 377 -6.72 -8.02 -39.77
N SER B 378 -6.52 -8.92 -40.74
CA SER B 378 -7.63 -9.47 -41.61
C SER B 378 -8.71 -10.13 -40.76
N THR B 379 -8.30 -10.68 -39.62
CA THR B 379 -9.16 -11.38 -38.68
C THR B 379 -9.96 -10.44 -37.75
N GLY B 380 -9.80 -9.11 -37.89
CA GLY B 380 -10.59 -8.11 -37.08
C GLY B 380 -9.89 -7.40 -35.92
N PHE B 381 -8.85 -8.04 -35.36
CA PHE B 381 -8.21 -7.53 -34.15
C PHE B 381 -7.18 -6.42 -34.40
N LYS B 382 -7.34 -5.32 -33.67
CA LYS B 382 -6.28 -4.28 -33.54
C LYS B 382 -4.96 -4.94 -33.03
N THR B 383 -3.88 -4.76 -33.77
CA THR B 383 -2.63 -5.39 -33.41
C THR B 383 -1.37 -4.67 -33.90
N ARG B 384 -0.24 -5.08 -33.34
CA ARG B 384 1.06 -4.52 -33.69
C ARG B 384 2.02 -5.66 -33.98
N HIS B 385 3.00 -5.42 -34.84
CA HIS B 385 3.97 -6.45 -35.18
C HIS B 385 5.23 -6.30 -34.37
N PHE B 386 5.65 -7.38 -33.74
CA PHE B 386 6.83 -7.40 -32.89
C PHE B 386 8.04 -6.77 -33.55
N ASP B 387 8.27 -7.15 -34.81
CA ASP B 387 9.45 -6.68 -35.51
C ASP B 387 9.41 -5.19 -35.73
N ARG B 388 8.21 -4.62 -35.90
CA ARG B 388 8.08 -3.15 -36.06
C ARG B 388 8.40 -2.45 -34.75
N ILE B 389 8.04 -3.10 -33.64
CA ILE B 389 8.28 -2.53 -32.36
C ILE B 389 9.78 -2.52 -32.11
N VAL B 390 10.42 -3.67 -32.34
CA VAL B 390 11.87 -3.77 -32.15
C VAL B 390 12.56 -2.74 -33.00
N ASP B 391 12.07 -2.59 -34.22
CA ASP B 391 12.77 -1.76 -35.16
C ASP B 391 12.65 -0.27 -34.84
N GLU B 392 11.56 0.15 -34.18
CA GLU B 392 11.47 1.53 -33.76
C GLU B 392 12.50 1.83 -32.70
N VAL B 393 12.72 0.85 -31.82
CA VAL B 393 13.67 1.08 -30.73
C VAL B 393 15.08 1.10 -31.35
N GLN B 394 15.33 0.18 -32.25
CA GLN B 394 16.58 0.20 -33.04
C GLN B 394 16.78 1.60 -33.62
N GLY B 395 15.78 2.16 -34.30
CA GLY B 395 16.07 3.43 -34.93
C GLY B 395 16.20 4.56 -33.93
N PHE B 396 15.44 4.45 -32.85
CA PHE B 396 15.60 5.39 -31.74
C PHE B 396 17.06 5.33 -31.23
N PHE B 397 17.61 4.14 -31.08
CA PHE B 397 19.03 4.06 -30.66
C PHE B 397 19.95 4.72 -31.64
N GLU B 398 19.69 4.51 -32.92
CA GLU B 398 20.59 5.03 -33.97
C GLU B 398 20.55 6.53 -34.00
N VAL B 399 19.36 7.11 -33.85
CA VAL B 399 19.25 8.56 -33.84
C VAL B 399 20.11 9.14 -32.72
N HIS B 400 20.10 8.53 -31.54
CA HIS B 400 20.84 9.10 -30.41
C HIS B 400 22.33 8.90 -30.53
N ARG B 401 22.75 7.74 -31.00
CA ARG B 401 24.17 7.46 -31.16
C ARG B 401 24.77 8.46 -32.15
N ALA B 402 24.07 8.73 -33.24
CA ALA B 402 24.56 9.68 -34.22
C ALA B 402 24.68 11.05 -33.62
N LEU B 403 23.82 11.43 -32.71
CA LEU B 403 23.91 12.78 -32.17
C LEU B 403 24.72 12.83 -30.89
N GLY B 404 25.17 11.68 -30.40
CA GLY B 404 25.84 11.60 -29.11
C GLY B 404 24.95 11.95 -27.92
N THR B 405 23.65 11.70 -28.00
CA THR B 405 22.72 12.03 -26.89
C THR B 405 22.35 10.72 -26.25
N HIS B 406 21.69 10.79 -25.10
CA HIS B 406 21.35 9.61 -24.32
C HIS B 406 20.00 9.02 -24.71
N PRO B 407 19.96 7.81 -25.30
CA PRO B 407 18.72 7.10 -25.35
C PRO B 407 18.26 6.73 -23.92
N GLY B 408 17.29 7.47 -23.39
CA GLY B 408 16.98 7.47 -21.93
C GLY B 408 16.19 6.30 -21.39
N GLY B 409 15.37 5.71 -22.27
CA GLY B 409 14.50 4.70 -21.83
C GLY B 409 13.47 4.23 -22.86
N ILE B 410 12.61 3.31 -22.42
CA ILE B 410 11.47 2.88 -23.17
C ILE B 410 10.17 2.89 -22.38
N HIS B 411 9.07 3.00 -23.13
CA HIS B 411 7.71 2.99 -22.59
C HIS B 411 6.94 1.94 -23.37
N VAL B 412 6.56 0.84 -22.74
CA VAL B 412 5.94 -0.26 -23.48
C VAL B 412 4.66 -0.73 -22.76
N GLU B 413 3.81 -1.41 -23.51
CA GLU B 413 2.58 -2.02 -22.98
C GLU B 413 2.84 -3.50 -22.99
N ILE B 414 2.70 -4.07 -21.82
CA ILE B 414 3.05 -5.47 -21.60
C ILE B 414 2.12 -6.01 -20.53
N THR B 415 2.14 -7.32 -20.41
CA THR B 415 1.54 -8.04 -19.35
C THR B 415 2.33 -9.33 -19.04
N GLY B 416 2.08 -9.83 -17.86
CA GLY B 416 2.66 -11.08 -17.42
C GLY B 416 1.93 -12.30 -17.87
N GLU B 417 0.74 -12.07 -18.44
CA GLU B 417 -0.14 -13.13 -18.88
C GLU B 417 0.31 -13.61 -20.25
N ASN B 418 -0.02 -14.84 -20.60
CA ASN B 418 0.32 -15.36 -21.93
C ASN B 418 -0.77 -15.10 -22.99
N VAL B 419 -0.93 -13.84 -23.29
CA VAL B 419 -1.97 -13.38 -24.18
C VAL B 419 -1.46 -13.47 -25.61
N THR B 420 -2.38 -13.32 -26.57
CA THR B 420 -2.06 -13.36 -27.99
C THR B 420 -2.59 -12.06 -28.60
N GLU B 421 -1.85 -10.97 -28.43
CA GLU B 421 -2.35 -9.64 -28.86
C GLU B 421 -1.48 -8.97 -29.93
N CYS B 422 -0.19 -9.19 -29.86
CA CYS B 422 0.80 -8.69 -30.79
C CYS B 422 1.36 -9.87 -31.58
N LEU B 423 1.47 -9.68 -32.89
CA LEU B 423 1.96 -10.72 -33.81
C LEU B 423 3.46 -10.83 -33.71
N GLY B 424 3.96 -12.02 -34.01
CA GLY B 424 5.40 -12.28 -34.08
C GLY B 424 6.06 -12.66 -32.75
N GLY B 425 7.30 -12.20 -32.58
CA GLY B 425 8.20 -12.75 -31.57
C GLY B 425 8.56 -14.21 -31.81
N ALA B 426 9.37 -14.79 -30.93
CA ALA B 426 9.83 -16.16 -31.05
C ALA B 426 8.68 -17.17 -31.13
N GLN B 427 7.57 -16.88 -30.45
CA GLN B 427 6.43 -17.79 -30.45
C GLN B 427 5.71 -17.72 -31.79
N ASP B 428 6.07 -16.74 -32.62
CA ASP B 428 5.52 -16.61 -33.95
C ASP B 428 3.99 -16.55 -33.93
N ILE B 429 3.44 -15.63 -33.17
CA ILE B 429 2.01 -15.46 -33.10
C ILE B 429 1.45 -14.93 -34.43
N SER B 430 0.54 -15.69 -35.02
CA SER B 430 -0.08 -15.40 -36.34
C SER B 430 -1.46 -14.75 -36.18
N GLU B 431 -1.99 -14.25 -37.30
CA GLU B 431 -3.34 -13.71 -37.35
C GLU B 431 -4.46 -14.63 -36.78
N THR B 432 -4.34 -15.93 -37.03
CA THR B 432 -5.19 -17.01 -36.49
C THR B 432 -5.12 -17.06 -34.98
N ASP B 433 -3.89 -16.97 -34.44
CA ASP B 433 -3.66 -17.16 -33.02
C ASP B 433 -4.32 -16.05 -32.18
N LEU B 434 -4.42 -14.84 -32.75
CA LEU B 434 -5.00 -13.67 -32.03
C LEU B 434 -6.34 -13.91 -31.30
N ALA B 435 -7.20 -14.72 -31.91
CA ALA B 435 -8.50 -15.08 -31.38
C ALA B 435 -8.45 -15.85 -30.06
N GLY B 436 -7.35 -16.55 -29.78
CA GLY B 436 -7.23 -17.39 -28.59
C GLY B 436 -7.37 -16.62 -27.28
N ARG B 437 -6.55 -15.58 -27.10
CA ARG B 437 -6.48 -14.89 -25.83
C ARG B 437 -6.19 -13.45 -26.07
N TYR B 438 -7.14 -12.79 -26.72
CA TYR B 438 -7.07 -11.36 -26.98
C TYR B 438 -7.84 -10.73 -25.85
N GLU B 439 -7.16 -10.32 -24.80
CA GLU B 439 -7.88 -9.98 -23.59
C GLU B 439 -7.83 -8.50 -23.28
N THR B 440 -7.03 -7.71 -23.99
CA THR B 440 -6.85 -6.30 -23.62
C THR B 440 -8.20 -5.57 -23.70
N ALA B 441 -8.39 -4.57 -22.85
CA ALA B 441 -9.53 -3.70 -22.98
C ALA B 441 -9.26 -2.48 -23.89
N CYS B 442 -8.13 -2.44 -24.56
CA CYS B 442 -7.83 -1.35 -25.45
C CYS B 442 -6.69 -1.86 -26.41
N ASP B 443 -5.48 -1.30 -26.36
CA ASP B 443 -4.44 -1.71 -27.31
C ASP B 443 -3.86 -3.06 -27.01
N PRO B 444 -3.27 -3.70 -28.02
CA PRO B 444 -2.58 -4.98 -27.82
C PRO B 444 -1.26 -4.86 -27.08
N ARG B 445 -1.06 -5.72 -26.11
CA ARG B 445 0.14 -5.75 -25.33
C ARG B 445 1.10 -6.86 -25.72
N LEU B 446 2.39 -6.61 -25.54
CA LEU B 446 3.33 -7.70 -25.51
C LEU B 446 3.04 -8.64 -24.35
N ASN B 447 3.03 -9.91 -24.71
CA ASN B 447 3.16 -11.11 -23.88
CA ASN B 447 2.92 -10.95 -23.69
C ASN B 447 4.22 -11.05 -22.84
N THR B 448 4.16 -11.90 -21.83
CA THR B 448 5.29 -12.06 -20.97
C THR B 448 6.58 -12.50 -21.71
N GLN B 449 6.47 -13.49 -22.59
CA GLN B 449 7.59 -13.90 -23.43
C GLN B 449 8.07 -12.83 -24.36
N GLN B 450 7.17 -12.10 -24.92
CA GLN B 450 7.59 -11.10 -25.91
C GLN B 450 8.21 -9.90 -25.24
N SER B 451 7.64 -9.53 -24.09
CA SER B 451 8.16 -8.43 -23.34
C SER B 451 9.63 -8.77 -22.92
N LEU B 452 9.88 -10.02 -22.54
CA LEU B 452 11.24 -10.39 -22.08
C LEU B 452 12.20 -10.43 -23.26
N GLU B 453 11.71 -10.96 -24.37
CA GLU B 453 12.50 -11.03 -25.56
C GLU B 453 12.94 -9.65 -25.97
N LEU B 454 12.02 -8.71 -25.99
CA LEU B 454 12.35 -7.34 -26.36
C LEU B 454 13.42 -6.75 -25.43
N ALA B 455 13.37 -7.10 -24.13
CA ALA B 455 14.45 -6.63 -23.19
C ALA B 455 15.82 -7.23 -23.58
N PHE B 456 15.90 -8.51 -23.91
CA PHE B 456 17.14 -9.07 -24.53
C PHE B 456 17.62 -8.30 -25.75
N LEU B 457 16.70 -7.97 -26.65
CA LEU B 457 17.11 -7.27 -27.87
C LEU B 457 17.60 -5.88 -27.53
N VAL B 458 16.93 -5.25 -26.61
CA VAL B 458 17.35 -3.89 -26.29
C VAL B 458 18.66 -3.84 -25.54
N ALA B 459 18.95 -4.89 -24.78
CA ALA B 459 20.19 -4.99 -24.03
C ALA B 459 21.33 -5.00 -25.04
N GLU B 460 21.12 -5.70 -26.14
CA GLU B 460 22.11 -5.77 -27.20
C GLU B 460 22.29 -4.37 -27.81
N MET B 461 21.19 -3.65 -27.96
CA MET B 461 21.24 -2.30 -28.51
C MET B 461 22.08 -1.46 -27.57
N LEU B 462 21.85 -1.63 -26.28
CA LEU B 462 22.68 -0.95 -25.29
C LEU B 462 24.15 -1.38 -25.31
N ARG B 463 24.43 -2.63 -25.67
CA ARG B 463 25.81 -3.12 -25.58
C ARG B 463 26.67 -2.74 -26.78
N ASP B 464 26.09 -2.23 -27.89
CA ASP B 464 26.85 -1.97 -29.13
C ASP B 464 26.70 -0.53 -29.61
S SO4 C . -27.11 -7.18 17.61
O1 SO4 C . -26.79 -8.63 17.64
O2 SO4 C . -27.82 -6.80 18.84
O3 SO4 C . -27.97 -6.91 16.43
O4 SO4 C . -25.85 -6.40 17.50
S SO4 D . -11.19 -7.28 25.26
O1 SO4 D . -12.38 -7.17 26.13
O2 SO4 D . -11.50 -8.44 24.34
O3 SO4 D . -9.99 -7.58 26.11
O4 SO4 D . -10.90 -5.99 24.59
MN MN E . -10.76 -1.00 23.18
N DTR F . 15.95 -0.73 12.06
CA DTR F . 14.89 0.01 12.68
CB DTR F . 15.45 1.20 13.41
CG DTR F . 14.50 2.34 13.44
CD1 DTR F . 14.29 3.26 12.43
NE1 DTR F . 13.27 4.10 12.78
CE2 DTR F . 12.80 3.78 14.01
CZ2 DTR F . 11.75 4.35 14.78
CH2 DTR F . 11.52 3.75 16.04
CZ3 DTR F . 12.25 2.65 16.51
CE3 DTR F . 13.26 2.12 15.71
CD2 DTR F . 13.52 2.67 14.48
C DTR F . 14.19 -0.81 13.71
O DTR F . 13.06 -1.25 13.41
OXT DTR F . 14.73 -1.05 14.80
N TRP G . 15.15 -0.07 11.74
CA TRP G . 15.41 -0.19 13.17
C TRP G . 14.21 -0.80 13.91
O TRP G . 14.32 -0.97 15.16
CB TRP G . 15.76 1.16 13.76
CG TRP G . 14.70 2.21 13.57
CD1 TRP G . 14.52 2.99 12.48
CD2 TRP G . 13.68 2.57 14.52
NE1 TRP G . 13.45 3.83 12.68
CE2 TRP G . 12.92 3.60 13.92
CE3 TRP G . 13.34 2.15 15.79
CZ2 TRP G . 11.83 4.18 14.56
CZ3 TRP G . 12.26 2.73 16.43
CH2 TRP G . 11.52 3.75 15.81
OXT TRP G . 13.19 -1.09 13.22
N DPN H . -13.40 7.77 4.52
CA DPN H . -13.49 6.71 3.55
C DPN H . -14.90 6.23 3.47
O DPN H . -15.12 5.07 3.07
OXT DPN H . -15.82 7.02 3.80
CB DPN H . -13.03 7.25 2.20
CG DPN H . -12.72 6.10 1.26
CD1 DPN H . -13.53 5.85 0.16
CD2 DPN H . -11.60 5.31 1.50
CE1 DPN H . -13.23 4.80 -0.70
CE2 DPN H . -11.30 4.25 0.64
CZ DPN H . -12.11 4.00 -0.46
S SO4 I . -0.69 8.33 -27.23
O1 SO4 I . -1.00 7.06 -26.53
O2 SO4 I . -1.42 8.27 -28.52
O3 SO4 I . -1.02 9.52 -26.46
O4 SO4 I . 0.77 8.35 -27.57
S SO4 J . -9.90 22.19 -6.49
O1 SO4 J . -11.18 22.36 -5.73
O2 SO4 J . -10.07 21.05 -7.48
O3 SO4 J . -8.86 22.05 -5.41
O4 SO4 J . -9.74 23.44 -7.23
MN MN K . -2.15 2.11 -25.35
C1 GOL L . 7.45 2.88 -4.66
O1 GOL L . 8.12 4.07 -4.11
C2 GOL L . 7.50 1.66 -3.71
O2 GOL L . 8.81 1.50 -3.15
C3 GOL L . 7.10 0.33 -4.41
O3 GOL L . 8.18 -0.44 -4.96
N DTR M . 18.82 -2.37 -6.01
CA DTR M . 17.93 -3.03 -6.88
CB DTR M . 18.48 -4.36 -7.37
CG DTR M . 17.44 -5.29 -7.83
CD1 DTR M . 16.68 -6.13 -7.02
NE1 DTR M . 15.76 -6.80 -7.76
CE2 DTR M . 15.88 -6.43 -9.06
CZ2 DTR M . 15.12 -6.82 -10.15
CH2 DTR M . 15.47 -6.26 -11.39
CZ3 DTR M . 16.49 -5.31 -11.52
CE3 DTR M . 17.24 -4.90 -10.40
CD2 DTR M . 16.90 -5.47 -9.16
C DTR M . 17.60 -2.20 -8.06
O DTR M . 16.50 -1.62 -8.07
OXT DTR M . 18.43 -2.07 -8.98
N TRP N . 17.87 -2.95 -5.89
CA TRP N . 18.57 -2.91 -7.16
C TRP N . 17.76 -2.18 -8.23
O TRP N . 16.56 -1.89 -7.93
CB TRP N . 18.92 -4.33 -7.63
CG TRP N . 17.72 -5.19 -7.85
CD1 TRP N . 17.04 -5.92 -6.91
CD2 TRP N . 17.05 -5.43 -9.10
NE1 TRP N . 16.00 -6.59 -7.50
CE2 TRP N . 15.98 -6.31 -8.85
CE3 TRP N . 17.26 -4.99 -10.41
CZ2 TRP N . 15.12 -6.75 -9.84
CZ3 TRP N . 16.40 -5.43 -11.40
CH2 TRP N . 15.35 -6.30 -11.11
OXT TRP N . 18.32 -1.91 -9.33
N DPN O . -12.49 -5.67 -8.69
CA DPN O . -12.75 -4.56 -7.82
C DPN O . -13.99 -3.85 -8.28
O DPN O . -14.82 -4.49 -8.98
OXT DPN O . -14.15 -2.66 -7.96
CB DPN O . -12.96 -5.08 -6.39
CG DPN O . -12.70 -3.97 -5.40
CD1 DPN O . -13.73 -3.50 -4.60
CD2 DPN O . -11.43 -3.43 -5.27
CE1 DPN O . -13.49 -2.49 -3.68
CE2 DPN O . -11.19 -2.41 -4.36
CZ DPN O . -12.21 -1.94 -3.56
#